data_2V5Z
#
_entry.id   2V5Z
#
_cell.length_a   132.551
_cell.length_b   223.602
_cell.length_c   86.589
_cell.angle_alpha   90.00
_cell.angle_beta   90.00
_cell.angle_gamma   90.00
#
_symmetry.space_group_name_H-M   'C 2 2 2'
#
loop_
_entity.id
_entity.type
_entity.pdbx_description
1 polymer 'Amine oxidase [flavin-containing] B'
2 non-polymer 'FLAVIN-ADENINE DINUCLEOTIDE'
3 non-polymer (S)-(+)-2-[4-(FLUOROBENZYLOXY-BENZYLAMINO)PROPIONAMIDE]
4 water water
#
_entity_poly.entity_id   1
_entity_poly.type   'polypeptide(L)'
_entity_poly.pdbx_seq_one_letter_code
;MSNKCDVVVVGGGISGMAAAKLLHDSGLNVVVLEARDRVGGRTYTLRNQKVKYVDLGGSYVGPTQNRILRLAKELGLETY
KVNEVERLIHHVKGKSYPFRGPFPPVWNPITYLDHNNFWRTMDDMGREIPSDAPWKAPLAEEWDNMTMKELLDKLCWTES
AKQLATLFVNLCVTAETHEVSALWFLWYVKQCGGTTRIISTTNGGQERKFVGGSGQVSERIMDLLGDRVKLERPVIYIDQ
TRENVLVETLNHEMYEAKYVISAIPPTLGMKIHFNPPLPMMRNQMITRVPLGSVIKCIVYYKEPFWRKKDYCGTMIIDGE
EAPVAYTLDDTKPEGNYAAIMGFILAHKARKLARLTKEERLKKLCELYAKVLGSLEALEPVHYEEKNWCEEQYSGGCYTT
YFPPGILTQYGRVLRQPVDRIYFAGTETATHWSGYMEGAVEAGERAAREILHAMGKIPEDEIWQSEPESVDVPAQPITTT
FLERHLPSVPGLLRLIGLTTIFSATALGFLAHKRGLLVRV
;
_entity_poly.pdbx_strand_id   A,B
#
loop_
_chem_comp.id
_chem_comp.type
_chem_comp.name
_chem_comp.formula
FAD non-polymer 'FLAVIN-ADENINE DINUCLEOTIDE' 'C27 H33 N9 O15 P2'
SAG non-polymer (S)-(+)-2-[4-(FLUOROBENZYLOXY-BENZYLAMINO)PROPIONAMIDE] 'C17 H17 F N2 O2'
#
# COMPACT_ATOMS: atom_id res chain seq x y z
N ASN A 3 5.72 -29.57 19.26
CA ASN A 3 4.43 -29.74 18.54
C ASN A 3 3.25 -29.12 19.31
N LYS A 4 2.91 -29.69 20.46
CA LYS A 4 1.70 -29.29 21.21
C LYS A 4 1.99 -28.28 22.31
N CYS A 5 1.22 -27.19 22.33
CA CYS A 5 1.33 -26.15 23.36
C CYS A 5 0.01 -25.38 23.54
N ASP A 6 0.01 -24.43 24.47
CA ASP A 6 -1.16 -23.60 24.70
C ASP A 6 -1.27 -22.46 23.70
N VAL A 7 -0.18 -21.71 23.52
CA VAL A 7 -0.16 -20.55 22.61
C VAL A 7 1.11 -20.56 21.76
N VAL A 8 0.93 -20.39 20.45
CA VAL A 8 2.03 -20.14 19.53
C VAL A 8 2.12 -18.63 19.30
N VAL A 9 3.30 -18.07 19.52
CA VAL A 9 3.54 -16.66 19.21
C VAL A 9 4.38 -16.58 17.93
N VAL A 10 3.83 -15.92 16.91
CA VAL A 10 4.53 -15.75 15.64
C VAL A 10 5.32 -14.45 15.67
N GLY A 11 6.65 -14.57 15.74
CA GLY A 11 7.53 -13.41 15.78
C GLY A 11 8.19 -13.21 17.14
N GLY A 12 9.51 -13.14 17.15
CA GLY A 12 10.29 -12.92 18.35
C GLY A 12 10.94 -11.55 18.45
N GLY A 13 10.21 -10.52 18.06
CA GLY A 13 10.60 -9.14 18.36
C GLY A 13 10.18 -8.82 19.79
N ILE A 14 10.36 -7.57 20.21
CA ILE A 14 9.96 -7.17 21.57
C ILE A 14 8.49 -7.50 21.86
N SER A 15 7.60 -7.28 20.90
CA SER A 15 6.17 -7.52 21.14
C SER A 15 5.86 -9.00 21.38
N GLY A 16 6.37 -9.87 20.51
CA GLY A 16 6.18 -11.33 20.66
C GLY A 16 6.82 -11.85 21.94
N MET A 17 8.02 -11.36 22.24
CA MET A 17 8.74 -11.77 23.45
C MET A 17 8.04 -11.30 24.72
N ALA A 18 7.51 -10.09 24.73
CA ALA A 18 6.73 -9.58 25.87
C ALA A 18 5.45 -10.40 26.08
N ALA A 19 4.78 -10.76 24.99
CA ALA A 19 3.58 -11.59 25.05
C ALA A 19 3.90 -12.97 25.61
N ALA A 20 4.95 -13.60 25.07
CA ALA A 20 5.37 -14.92 25.50
C ALA A 20 5.75 -14.95 26.99
N LYS A 21 6.50 -13.94 27.43
CA LYS A 21 6.91 -13.85 28.83
C LYS A 21 5.70 -13.79 29.77
N LEU A 22 4.72 -12.94 29.44
CA LEU A 22 3.52 -12.78 30.27
C LEU A 22 2.76 -14.11 30.37
N LEU A 23 2.59 -14.78 29.23
CA LEU A 23 1.88 -16.06 29.20
C LEU A 23 2.65 -17.14 29.98
N HIS A 24 3.96 -17.19 29.78
CA HIS A 24 4.83 -18.12 30.49
C HIS A 24 4.76 -17.91 32.01
N ASP A 25 4.85 -16.65 32.43
CA ASP A 25 4.74 -16.28 33.85
C ASP A 25 3.40 -16.64 34.47
N SER A 26 2.37 -16.71 33.62
CA SER A 26 1.02 -17.06 34.07
C SER A 26 0.81 -18.58 34.15
N GLY A 27 1.79 -19.34 33.68
CA GLY A 27 1.77 -20.80 33.80
C GLY A 27 1.35 -21.56 32.54
N LEU A 28 1.25 -20.86 31.43
CA LEU A 28 0.91 -21.49 30.16
C LEU A 28 2.14 -21.97 29.42
N ASN A 29 1.97 -22.98 28.58
CA ASN A 29 3.04 -23.48 27.73
C ASN A 29 3.04 -22.71 26.42
N VAL A 30 4.12 -21.96 26.20
CA VAL A 30 4.23 -21.13 25.00
C VAL A 30 5.39 -21.56 24.10
N VAL A 31 5.24 -21.31 22.81
CA VAL A 31 6.32 -21.48 21.84
C VAL A 31 6.39 -20.19 21.03
N VAL A 32 7.61 -19.72 20.76
CA VAL A 32 7.83 -18.57 19.89
C VAL A 32 8.46 -19.05 18.59
N LEU A 33 7.81 -18.77 17.47
CA LEU A 33 8.33 -19.13 16.16
C LEU A 33 8.89 -17.89 15.49
N GLU A 34 10.21 -17.86 15.30
CA GLU A 34 10.91 -16.69 14.77
C GLU A 34 11.58 -17.02 13.44
N ALA A 35 11.31 -16.19 12.42
CA ALA A 35 11.82 -16.42 11.08
C ALA A 35 13.35 -16.36 10.96
N ARG A 36 13.96 -15.43 11.70
CA ARG A 36 15.40 -15.17 11.57
C ARG A 36 16.23 -16.08 12.48
N ASP A 37 17.55 -16.05 12.28
CA ASP A 37 18.49 -16.75 13.16
C ASP A 37 18.79 -15.98 14.46
N ARG A 38 17.96 -14.98 14.76
CA ARG A 38 18.12 -14.14 15.93
C ARG A 38 16.76 -13.63 16.39
N VAL A 39 16.66 -13.24 17.66
CA VAL A 39 15.50 -12.50 18.15
C VAL A 39 15.76 -10.99 18.08
N GLY A 40 14.71 -10.20 18.28
CA GLY A 40 14.85 -8.74 18.33
C GLY A 40 14.16 -7.95 17.22
N GLY A 41 14.07 -8.57 16.05
CA GLY A 41 13.37 -7.98 14.89
C GLY A 41 13.91 -6.64 14.45
N ARG A 42 13.10 -5.60 14.62
CA ARG A 42 13.48 -4.23 14.26
C ARG A 42 14.45 -3.60 15.27
N THR A 43 14.76 -4.33 16.35
CA THR A 43 15.93 -4.00 17.19
C THR A 43 17.03 -5.00 16.89
N TYR A 44 18.27 -4.50 16.83
CA TYR A 44 19.44 -5.31 16.53
C TYR A 44 20.66 -4.60 17.08
N THR A 45 21.31 -5.22 18.06
CA THR A 45 22.52 -4.70 18.65
C THR A 45 23.72 -5.48 18.12
N LEU A 46 24.55 -4.82 17.33
CA LEU A 46 25.78 -5.40 16.82
C LEU A 46 26.90 -5.28 17.85
N ARG A 47 27.67 -6.35 18.04
CA ARG A 47 28.84 -6.30 18.92
C ARG A 47 30.12 -6.68 18.16
N ASN A 48 31.12 -5.82 18.27
CA ASN A 48 32.48 -6.08 17.79
C ASN A 48 33.47 -5.20 18.55
N GLN A 49 34.75 -5.41 18.34
CA GLN A 49 35.78 -4.71 19.11
C GLN A 49 35.86 -3.21 18.83
N LYS A 50 35.53 -2.82 17.61
CA LYS A 50 35.62 -1.42 17.20
C LYS A 50 34.55 -0.54 17.82
N VAL A 51 33.37 -1.10 18.07
CA VAL A 51 32.23 -0.32 18.57
C VAL A 51 31.81 -0.73 20.00
N LYS A 52 32.32 -1.88 20.46
CA LYS A 52 31.84 -2.57 21.66
C LYS A 52 30.42 -3.10 21.43
N TYR A 53 29.45 -2.19 21.39
CA TYR A 53 28.07 -2.49 20.99
C TYR A 53 27.50 -1.29 20.28
N VAL A 54 26.56 -1.52 19.36
CA VAL A 54 25.82 -0.44 18.70
C VAL A 54 24.44 -0.90 18.27
N ASP A 55 23.42 -0.10 18.58
CA ASP A 55 22.07 -0.35 18.09
C ASP A 55 21.96 0.09 16.63
N LEU A 56 21.69 -0.87 15.75
CA LEU A 56 21.48 -0.59 14.33
C LEU A 56 20.00 -0.47 13.98
N GLY A 57 19.16 -0.88 14.94
CA GLY A 57 17.71 -0.69 14.84
C GLY A 57 17.21 0.23 15.95
N GLY A 58 16.05 -0.09 16.51
CA GLY A 58 15.46 0.72 17.57
C GLY A 58 16.41 0.90 18.75
N SER A 59 16.44 2.12 19.32
CA SER A 59 17.44 2.44 20.34
C SER A 59 16.93 3.35 21.46
N TYR A 60 16.21 4.40 21.11
CA TYR A 60 15.86 5.45 22.07
C TYR A 60 14.61 5.16 22.90
N VAL A 61 14.70 5.50 24.18
CA VAL A 61 13.55 5.48 25.09
C VAL A 61 13.52 6.78 25.87
N GLY A 62 12.37 7.12 26.44
CA GLY A 62 12.26 8.36 27.20
C GLY A 62 11.06 8.43 28.11
N PRO A 63 10.89 9.57 28.78
CA PRO A 63 9.78 9.76 29.72
C PRO A 63 8.41 9.47 29.09
N THR A 64 7.54 8.86 29.89
CA THR A 64 6.20 8.36 29.50
C THR A 64 6.19 6.99 28.81
N GLN A 65 7.36 6.46 28.50
CA GLN A 65 7.46 5.13 27.91
C GLN A 65 7.68 4.11 29.03
N ASN A 66 6.69 4.00 29.92
CA ASN A 66 6.89 3.29 31.18
C ASN A 66 6.92 1.76 31.07
N ARG A 67 6.25 1.21 30.05
CA ARG A 67 6.23 -0.24 29.87
C ARG A 67 7.58 -0.83 29.44
N ILE A 68 8.21 -0.25 28.43
CA ILE A 68 9.54 -0.70 28.02
C ILE A 68 10.57 -0.49 29.14
N LEU A 69 10.44 0.62 29.86
CA LEU A 69 11.36 0.89 30.97
C LEU A 69 11.22 -0.15 32.09
N ARG A 70 9.98 -0.52 32.41
CA ARG A 70 9.70 -1.50 33.46
C ARG A 70 10.18 -2.89 33.06
N LEU A 71 9.88 -3.29 31.83
CA LEU A 71 10.32 -4.59 31.33
C LEU A 71 11.84 -4.70 31.32
N ALA A 72 12.52 -3.68 30.80
CA ALA A 72 13.98 -3.67 30.75
C ALA A 72 14.59 -3.72 32.16
N LYS A 73 14.02 -2.96 33.09
CA LYS A 73 14.52 -2.93 34.46
C LYS A 73 14.41 -4.31 35.13
N GLU A 74 13.29 -4.99 34.90
CA GLU A 74 13.09 -6.33 35.44
C GLU A 74 14.11 -7.32 34.89
N LEU A 75 14.53 -7.11 33.64
CA LEU A 75 15.52 -7.97 32.99
C LEU A 75 16.96 -7.63 33.40
N GLY A 76 17.12 -6.59 34.22
CA GLY A 76 18.42 -6.20 34.75
C GLY A 76 19.18 -5.15 33.94
N LEU A 77 18.45 -4.43 33.09
CA LEU A 77 19.05 -3.41 32.22
C LEU A 77 19.00 -2.01 32.85
N GLU A 78 19.88 -1.14 32.38
CA GLU A 78 19.95 0.26 32.83
C GLU A 78 19.98 1.17 31.62
N THR A 79 19.57 2.43 31.82
CA THR A 79 19.64 3.44 30.77
C THR A 79 20.72 4.47 31.05
N TYR A 80 21.08 5.23 30.01
CA TYR A 80 21.91 6.43 30.17
C TYR A 80 21.35 7.52 29.28
N LYS A 81 21.71 8.77 29.57
CA LYS A 81 21.19 9.93 28.84
C LYS A 81 22.00 10.21 27.58
N VAL A 82 21.29 10.38 26.46
CA VAL A 82 21.87 10.87 25.21
C VAL A 82 22.44 12.28 25.46
N ASN A 83 23.61 12.57 24.90
CA ASN A 83 24.25 13.86 25.15
C ASN A 83 23.50 15.06 24.57
N GLU A 84 23.04 15.95 25.45
CA GLU A 84 22.44 17.22 25.04
C GLU A 84 22.90 18.37 25.95
N VAL A 85 24.14 18.30 26.41
CA VAL A 85 24.70 19.31 27.31
C VAL A 85 24.97 20.62 26.55
N GLU A 86 25.60 20.49 25.38
CA GLU A 86 25.99 21.64 24.57
C GLU A 86 24.90 22.01 23.55
N ARG A 87 25.21 22.89 22.59
CA ARG A 87 24.19 23.45 21.69
C ARG A 87 23.79 22.52 20.55
N LEU A 88 22.52 22.58 20.17
CA LEU A 88 22.00 21.91 18.97
C LEU A 88 22.31 22.77 17.75
N ILE A 89 22.25 22.19 16.56
CA ILE A 89 22.46 22.95 15.33
C ILE A 89 21.28 22.78 14.36
N HIS A 90 20.81 23.89 13.80
CA HIS A 90 19.88 23.87 12.66
C HIS A 90 20.64 24.38 11.45
N HIS A 91 20.76 23.54 10.43
CA HIS A 91 21.49 23.89 9.20
C HIS A 91 20.48 24.11 8.10
N VAL A 92 20.42 25.33 7.59
CA VAL A 92 19.43 25.71 6.58
C VAL A 92 20.07 26.67 5.57
N LYS A 93 19.75 26.46 4.29
CA LYS A 93 20.33 27.23 3.18
C LYS A 93 21.86 27.32 3.26
N GLY A 94 22.48 26.20 3.60
CA GLY A 94 23.94 26.07 3.62
C GLY A 94 24.68 26.71 4.77
N LYS A 95 23.94 27.13 5.81
CA LYS A 95 24.55 27.76 7.00
C LYS A 95 24.05 27.11 8.29
N SER A 96 24.92 27.05 9.30
CA SER A 96 24.57 26.47 10.61
C SER A 96 24.22 27.53 11.64
N TYR A 97 23.15 27.26 12.40
CA TYR A 97 22.65 28.17 13.44
C TYR A 97 22.50 27.39 14.76
N PRO A 98 23.44 27.59 15.71
CA PRO A 98 23.37 26.91 17.00
C PRO A 98 22.24 27.43 17.86
N PHE A 99 21.69 26.57 18.71
CA PHE A 99 20.58 26.96 19.58
C PHE A 99 20.44 26.02 20.77
N ARG A 100 19.60 26.44 21.72
CA ARG A 100 19.24 25.62 22.87
C ARG A 100 17.72 25.53 22.96
N GLY A 101 17.23 24.48 23.62
CA GLY A 101 15.80 24.19 23.67
C GLY A 101 15.43 23.24 22.55
N PRO A 102 14.22 22.66 22.61
CA PRO A 102 13.82 21.64 21.62
C PRO A 102 13.63 22.12 20.18
N PHE A 103 13.20 23.37 19.99
CA PHE A 103 12.90 23.92 18.66
C PHE A 103 13.90 25.01 18.24
N PRO A 104 14.35 25.01 16.97
CA PRO A 104 15.19 26.13 16.50
C PRO A 104 14.44 27.47 16.61
N PRO A 105 15.08 28.51 17.17
CA PRO A 105 14.44 29.82 17.30
C PRO A 105 14.18 30.49 15.95
N VAL A 106 13.06 31.19 15.86
CA VAL A 106 12.67 31.90 14.65
C VAL A 106 12.51 33.37 15.00
N TRP A 107 13.24 34.24 14.29
CA TRP A 107 13.28 35.66 14.64
C TRP A 107 12.37 36.57 13.81
N ASN A 108 12.20 36.26 12.52
CA ASN A 108 11.29 37.01 11.66
C ASN A 108 9.86 36.91 12.20
N PRO A 109 9.22 38.05 12.51
CA PRO A 109 7.87 38.06 13.07
C PRO A 109 6.85 37.24 12.27
N ILE A 110 6.82 37.37 10.94
CA ILE A 110 5.86 36.62 10.12
C ILE A 110 6.16 35.13 10.14
N THR A 111 7.43 34.79 9.94
CA THR A 111 7.88 33.41 9.96
C THR A 111 7.66 32.81 11.35
N TYR A 112 7.92 33.60 12.41
CA TYR A 112 7.65 33.15 13.77
C TYR A 112 6.19 32.77 13.99
N LEU A 113 5.26 33.61 13.55
CA LEU A 113 3.83 33.32 13.66
C LEU A 113 3.47 32.02 12.93
N ASP A 114 4.04 31.84 11.74
CA ASP A 114 3.79 30.66 10.91
C ASP A 114 4.30 29.38 11.59
N HIS A 115 5.54 29.40 12.07
CA HIS A 115 6.12 28.26 12.80
C HIS A 115 5.31 27.94 14.05
N ASN A 116 5.01 28.96 14.85
CA ASN A 116 4.25 28.76 16.07
C ASN A 116 2.89 28.13 15.79
N ASN A 117 2.20 28.65 14.76
CA ASN A 117 0.90 28.14 14.37
C ASN A 117 0.95 26.71 13.85
N PHE A 118 2.03 26.36 13.14
CA PHE A 118 2.15 24.98 12.63
C PHE A 118 2.12 23.94 13.75
N TRP A 119 3.04 24.06 14.72
CA TRP A 119 3.14 23.07 15.79
C TRP A 119 1.86 23.05 16.62
N ARG A 120 1.36 24.25 16.94
CA ARG A 120 0.14 24.40 17.71
C ARG A 120 -1.04 23.70 17.04
N THR A 121 -1.17 23.89 15.72
CA THR A 121 -2.27 23.32 14.95
C THR A 121 -2.20 21.78 14.88
N MET A 122 -0.99 21.26 14.74
CA MET A 122 -0.78 19.81 14.77
C MET A 122 -1.37 19.22 16.04
N ASP A 123 -1.08 19.86 17.17
CA ASP A 123 -1.58 19.39 18.47
C ASP A 123 -3.07 19.66 18.64
N ASP A 124 -3.56 20.81 18.15
CA ASP A 124 -4.99 21.15 18.18
C ASP A 124 -5.81 20.07 17.47
N MET A 125 -5.42 19.75 16.24
CA MET A 125 -6.08 18.71 15.46
C MET A 125 -5.98 17.35 16.16
N GLY A 126 -4.83 17.05 16.74
CA GLY A 126 -4.61 15.80 17.47
C GLY A 126 -5.60 15.56 18.61
N ARG A 127 -5.98 16.61 19.31
CA ARG A 127 -6.92 16.51 20.45
C ARG A 127 -8.30 16.01 20.06
N GLU A 128 -8.64 16.11 18.78
CA GLU A 128 -9.92 15.63 18.28
C GLU A 128 -9.87 14.16 17.84
N ILE A 129 -8.70 13.54 17.95
CA ILE A 129 -8.48 12.16 17.48
C ILE A 129 -8.31 11.18 18.65
N PRO A 130 -9.29 10.29 18.86
CA PRO A 130 -9.15 9.29 19.92
C PRO A 130 -7.98 8.33 19.65
N SER A 131 -7.13 8.13 20.65
CA SER A 131 -5.95 7.26 20.51
C SER A 131 -6.30 5.82 20.13
N ASP A 132 -7.40 5.32 20.67
CA ASP A 132 -7.80 3.93 20.44
C ASP A 132 -8.76 3.75 19.27
N ALA A 133 -9.12 4.85 18.60
CA ALA A 133 -10.07 4.82 17.48
C ALA A 133 -9.99 6.09 16.63
N PRO A 134 -8.86 6.31 15.93
CA PRO A 134 -8.70 7.54 15.13
C PRO A 134 -9.78 7.79 14.07
N TRP A 135 -10.37 6.71 13.56
CA TRP A 135 -11.46 6.80 12.57
C TRP A 135 -12.73 7.42 13.15
N LYS A 136 -12.76 7.61 14.47
CA LYS A 136 -13.90 8.24 15.15
C LYS A 136 -13.75 9.76 15.31
N ALA A 137 -12.63 10.32 14.82
CA ALA A 137 -12.47 11.77 14.84
C ALA A 137 -13.62 12.41 14.05
N PRO A 138 -14.15 13.55 14.55
CA PRO A 138 -15.26 14.22 13.87
C PRO A 138 -15.05 14.46 12.37
N LEU A 139 -13.83 14.80 11.98
CA LEU A 139 -13.49 15.06 10.58
C LEU A 139 -12.60 13.98 9.99
N ALA A 140 -12.76 12.75 10.49
CA ALA A 140 -11.91 11.63 10.09
C ALA A 140 -11.79 11.46 8.58
N GLU A 141 -12.91 11.46 7.87
CA GLU A 141 -12.90 11.22 6.43
C GLU A 141 -12.21 12.36 5.67
N GLU A 142 -12.57 13.60 5.99
CA GLU A 142 -11.93 14.79 5.42
C GLU A 142 -10.41 14.73 5.58
N TRP A 143 -9.95 14.46 6.80
CA TRP A 143 -8.51 14.42 7.07
C TRP A 143 -7.81 13.20 6.46
N ASP A 144 -8.51 12.07 6.39
CA ASP A 144 -7.94 10.84 5.82
C ASP A 144 -7.81 10.89 4.30
N ASN A 145 -8.63 11.73 3.66
CA ASN A 145 -8.66 11.84 2.20
C ASN A 145 -7.65 12.85 1.65
N MET A 146 -6.79 13.33 2.54
CA MET A 146 -5.80 14.35 2.30
C MET A 146 -4.44 13.76 2.64
N THR A 147 -3.41 14.07 1.86
CA THR A 147 -2.03 13.71 2.27
C THR A 147 -1.48 14.78 3.22
N MET A 148 -0.39 14.45 3.92
CA MET A 148 0.29 15.48 4.72
C MET A 148 0.82 16.63 3.86
N LYS A 149 1.18 16.34 2.60
CA LYS A 149 1.62 17.40 1.68
C LYS A 149 0.52 18.44 1.48
N GLU A 150 -0.70 17.96 1.20
CA GLU A 150 -1.85 18.84 1.05
C GLU A 150 -2.10 19.68 2.29
N LEU A 151 -1.98 19.06 3.47
CA LEU A 151 -2.22 19.77 4.72
C LEU A 151 -1.17 20.85 4.95
N LEU A 152 0.10 20.52 4.71
CA LEU A 152 1.19 21.50 4.87
C LEU A 152 1.05 22.66 3.88
N ASP A 153 0.64 22.36 2.65
CA ASP A 153 0.41 23.38 1.62
C ASP A 153 -0.66 24.38 2.06
N LYS A 154 -1.67 23.90 2.77
CA LYS A 154 -2.73 24.75 3.29
C LYS A 154 -2.31 25.53 4.54
N LEU A 155 -1.57 24.88 5.42
CA LEU A 155 -1.28 25.39 6.75
C LEU A 155 -0.10 26.37 6.80
N CYS A 156 0.93 26.10 6.00
CA CYS A 156 2.17 26.86 6.07
C CYS A 156 2.20 27.99 5.05
N TRP A 157 2.21 29.22 5.56
CA TRP A 157 2.24 30.41 4.71
C TRP A 157 3.66 30.88 4.37
N THR A 158 4.65 30.24 4.99
CA THR A 158 6.06 30.50 4.67
C THR A 158 6.75 29.21 4.23
N GLU A 159 7.74 29.35 3.34
CA GLU A 159 8.57 28.21 2.93
C GLU A 159 9.41 27.68 4.10
N SER A 160 9.85 28.58 4.97
CA SER A 160 10.62 28.21 6.17
C SER A 160 9.87 27.17 7.01
N ALA A 161 8.61 27.46 7.33
CA ALA A 161 7.80 26.54 8.12
C ALA A 161 7.52 25.24 7.37
N LYS A 162 7.16 25.35 6.09
CA LYS A 162 6.86 24.17 5.29
C LYS A 162 8.07 23.24 5.18
N GLN A 163 9.26 23.83 5.03
CA GLN A 163 10.50 23.04 4.96
C GLN A 163 10.77 22.26 6.25
N LEU A 164 10.63 22.92 7.40
CA LEU A 164 10.87 22.25 8.68
C LEU A 164 9.79 21.22 8.98
N ALA A 165 8.54 21.56 8.64
CA ALA A 165 7.41 20.64 8.81
C ALA A 165 7.62 19.37 7.98
N THR A 166 8.15 19.53 6.77
CA THR A 166 8.42 18.41 5.88
C THR A 166 9.49 17.49 6.47
N LEU A 167 10.57 18.08 6.99
CA LEU A 167 11.62 17.33 7.65
C LEU A 167 11.05 16.56 8.84
N PHE A 168 10.22 17.24 9.65
CA PHE A 168 9.52 16.63 10.79
C PHE A 168 8.75 15.36 10.39
N VAL A 169 7.95 15.44 9.33
CA VAL A 169 7.20 14.27 8.85
C VAL A 169 8.17 13.15 8.42
N ASN A 170 9.15 13.50 7.59
CA ASN A 170 10.15 12.53 7.10
C ASN A 170 10.84 11.79 8.25
N LEU A 171 11.20 12.53 9.29
CA LEU A 171 11.95 11.99 10.42
C LEU A 171 11.09 11.13 11.36
N CYS A 172 9.83 11.53 11.54
CA CYS A 172 8.90 10.81 12.40
C CYS A 172 8.51 9.45 11.83
N VAL A 173 8.25 9.40 10.52
CA VAL A 173 7.60 8.22 9.93
C VAL A 173 8.30 7.68 8.66
N THR A 174 9.52 8.14 8.43
CA THR A 174 10.38 7.67 7.32
C THR A 174 9.63 7.54 5.99
N ALA A 175 8.82 8.56 5.70
CA ALA A 175 8.00 8.59 4.50
C ALA A 175 7.84 10.04 4.03
N GLU A 176 7.49 10.21 2.76
CA GLU A 176 7.32 11.55 2.19
C GLU A 176 5.95 12.11 2.56
N THR A 177 5.83 13.44 2.58
CA THR A 177 4.58 14.05 3.01
C THR A 177 3.41 13.67 2.11
N HIS A 178 3.71 13.49 0.82
CA HIS A 178 2.70 13.08 -0.17
C HIS A 178 2.33 11.59 -0.13
N GLU A 179 3.08 10.80 0.64
CA GLU A 179 2.83 9.35 0.74
C GLU A 179 1.79 8.99 1.81
N VAL A 180 1.66 9.85 2.83
CA VAL A 180 0.92 9.49 4.05
C VAL A 180 -0.38 10.29 4.24
N SER A 181 -1.37 9.63 4.85
CA SER A 181 -2.62 10.26 5.24
C SER A 181 -2.37 11.32 6.31
N ALA A 182 -3.06 12.46 6.19
CA ALA A 182 -3.04 13.48 7.23
C ALA A 182 -3.66 12.98 8.54
N LEU A 183 -4.82 12.31 8.46
CA LEU A 183 -5.44 11.74 9.66
C LEU A 183 -4.48 10.79 10.40
N TRP A 184 -3.89 9.85 9.66
CA TRP A 184 -2.98 8.89 10.28
C TRP A 184 -1.76 9.59 10.93
N PHE A 185 -1.15 10.55 10.22
CA PHE A 185 0.02 11.21 10.80
C PHE A 185 -0.33 12.03 12.05
N LEU A 186 -1.49 12.70 12.01
CA LEU A 186 -1.92 13.47 13.18
C LEU A 186 -2.22 12.54 14.37
N TRP A 187 -2.78 11.37 14.09
CA TRP A 187 -2.97 10.35 15.12
C TRP A 187 -1.63 9.92 15.69
N TYR A 188 -0.69 9.62 14.80
CA TYR A 188 0.62 9.10 15.19
C TYR A 188 1.33 10.01 16.20
N VAL A 189 1.32 11.32 15.91
CA VAL A 189 1.95 12.29 16.80
C VAL A 189 1.21 12.40 18.13
N LYS A 190 -0.12 12.49 18.06
CA LYS A 190 -0.94 12.63 19.28
C LYS A 190 -0.77 11.44 20.24
N GLN A 191 -0.69 10.23 19.69
CA GLN A 191 -0.60 9.03 20.53
C GLN A 191 0.80 8.82 21.15
N CYS A 192 1.75 9.67 20.76
CA CYS A 192 3.05 9.74 21.42
C CYS A 192 3.10 10.83 22.50
N GLY A 193 2.02 11.60 22.60
CA GLY A 193 1.94 12.68 23.59
C GLY A 193 2.08 14.08 22.99
N GLY A 194 2.15 14.16 21.67
CA GLY A 194 2.21 15.47 20.98
C GLY A 194 3.56 15.88 20.44
N THR A 195 3.60 17.05 19.78
CA THR A 195 4.78 17.50 19.06
C THR A 195 6.01 17.68 19.94
N THR A 196 5.88 18.40 21.07
CA THR A 196 7.02 18.63 21.95
C THR A 196 7.62 17.32 22.46
N ARG A 197 6.77 16.41 22.93
CA ARG A 197 7.25 15.14 23.48
C ARG A 197 7.97 14.29 22.42
N ILE A 198 7.42 14.25 21.20
CA ILE A 198 8.00 13.41 20.15
C ILE A 198 9.35 13.94 19.62
N ILE A 199 9.52 15.25 19.57
CA ILE A 199 10.74 15.85 19.01
C ILE A 199 11.87 16.09 20.01
N SER A 200 11.58 15.95 21.29
CA SER A 200 12.55 16.31 22.33
C SER A 200 13.50 15.19 22.68
N THR A 201 14.75 15.56 22.92
CA THR A 201 15.73 14.68 23.54
C THR A 201 15.53 14.76 25.06
N THR A 202 16.05 15.80 25.71
CA THR A 202 15.71 16.05 27.11
C THR A 202 14.19 16.17 27.24
N ASN A 203 13.61 15.37 28.14
CA ASN A 203 12.16 15.29 28.39
C ASN A 203 11.31 14.77 27.22
N GLY A 204 11.94 14.02 26.31
CA GLY A 204 11.21 13.47 25.18
C GLY A 204 11.64 12.08 24.76
N GLY A 205 11.16 11.68 23.58
CA GLY A 205 11.39 10.33 23.06
C GLY A 205 12.84 9.92 22.85
N GLN A 206 13.72 10.91 22.70
CA GLN A 206 15.14 10.60 22.44
C GLN A 206 16.05 10.78 23.66
N GLU A 207 15.46 10.82 24.86
CA GLU A 207 16.24 11.14 26.07
C GLU A 207 17.34 10.12 26.38
N ARG A 208 17.04 8.85 26.16
CA ARG A 208 17.89 7.78 26.69
C ARG A 208 18.12 6.61 25.74
N LYS A 209 19.18 5.86 26.02
CA LYS A 209 19.44 4.56 25.39
C LYS A 209 19.73 3.53 26.49
N PHE A 210 19.66 2.26 26.14
CA PHE A 210 20.02 1.20 27.08
C PHE A 210 21.52 0.91 27.08
N VAL A 211 22.11 0.79 28.26
CA VAL A 211 23.50 0.39 28.38
C VAL A 211 23.63 -1.03 27.84
N GLY A 212 24.48 -1.20 26.83
CA GLY A 212 24.68 -2.51 26.22
C GLY A 212 23.79 -2.83 25.03
N GLY A 213 22.83 -1.96 24.73
CA GLY A 213 21.97 -2.11 23.53
C GLY A 213 20.57 -2.62 23.82
N SER A 214 19.61 -2.25 22.98
CA SER A 214 18.20 -2.63 23.16
C SER A 214 17.94 -4.10 22.83
N GLY A 215 18.81 -4.70 22.03
CA GLY A 215 18.68 -6.11 21.65
C GLY A 215 18.64 -7.03 22.86
N GLN A 216 19.22 -6.57 23.97
CA GLN A 216 19.24 -7.32 25.23
C GLN A 216 17.85 -7.60 25.79
N VAL A 217 16.86 -6.76 25.45
CA VAL A 217 15.49 -6.99 25.90
C VAL A 217 14.99 -8.32 25.36
N SER A 218 15.05 -8.51 24.05
CA SER A 218 14.59 -9.75 23.43
C SER A 218 15.49 -10.94 23.78
N GLU A 219 16.80 -10.68 23.87
CA GLU A 219 17.77 -11.74 24.17
C GLU A 219 17.56 -12.31 25.57
N ARG A 220 17.39 -11.43 26.55
CA ARG A 220 17.21 -11.87 27.93
C ARG A 220 15.88 -12.59 28.17
N ILE A 221 14.85 -12.22 27.41
CA ILE A 221 13.59 -12.96 27.45
C ILE A 221 13.76 -14.35 26.83
N MET A 222 14.52 -14.43 25.73
CA MET A 222 14.85 -15.73 25.14
C MET A 222 15.57 -16.63 26.15
N ASP A 223 16.50 -16.03 26.90
CA ASP A 223 17.22 -16.76 27.94
C ASP A 223 16.25 -17.36 28.97
N LEU A 224 15.27 -16.57 29.38
CA LEU A 224 14.24 -17.03 30.33
C LEU A 224 13.38 -18.16 29.77
N LEU A 225 13.06 -18.09 28.48
CA LEU A 225 12.15 -19.05 27.87
C LEU A 225 12.83 -20.35 27.42
N GLY A 226 14.15 -20.31 27.29
CA GLY A 226 14.93 -21.48 26.90
C GLY A 226 14.59 -22.02 25.53
N ASP A 227 14.37 -23.34 25.46
CA ASP A 227 14.12 -24.01 24.19
C ASP A 227 12.75 -23.73 23.59
N ARG A 228 11.94 -22.90 24.26
CA ARG A 228 10.62 -22.53 23.78
C ARG A 228 10.66 -21.58 22.58
N VAL A 229 11.78 -20.89 22.41
CA VAL A 229 12.00 -20.03 21.25
C VAL A 229 12.66 -20.85 20.14
N LYS A 230 12.00 -20.89 18.98
CA LYS A 230 12.48 -21.65 17.83
C LYS A 230 12.94 -20.69 16.74
N LEU A 231 14.26 -20.65 16.53
CA LEU A 231 14.86 -19.76 15.52
C LEU A 231 14.87 -20.42 14.15
N GLU A 232 14.86 -19.58 13.11
CA GLU A 232 14.80 -20.04 11.71
C GLU A 232 13.57 -20.91 11.44
N ARG A 233 12.44 -20.46 11.99
CA ARG A 233 11.13 -21.07 11.76
C ARG A 233 10.16 -20.04 11.19
N PRO A 234 10.31 -19.68 9.90
CA PRO A 234 9.32 -18.77 9.32
C PRO A 234 7.97 -19.48 9.16
N VAL A 235 6.92 -18.85 9.66
CA VAL A 235 5.56 -19.37 9.54
C VAL A 235 5.02 -19.15 8.12
N ILE A 236 4.46 -20.21 7.54
CA ILE A 236 3.96 -20.19 6.16
C ILE A 236 2.46 -20.47 6.04
N TYR A 237 1.87 -21.05 7.09
CA TYR A 237 0.51 -21.59 7.02
C TYR A 237 -0.14 -21.67 8.38
N ILE A 238 -1.37 -21.16 8.47
CA ILE A 238 -2.17 -21.27 9.68
C ILE A 238 -3.54 -21.84 9.34
N ASP A 239 -3.90 -22.94 10.01
CA ASP A 239 -5.14 -23.66 9.75
C ASP A 239 -6.00 -23.64 11.00
N GLN A 240 -7.19 -23.04 10.90
CA GLN A 240 -8.12 -22.95 12.03
C GLN A 240 -9.42 -23.75 11.81
N THR A 241 -9.39 -24.71 10.88
CA THR A 241 -10.60 -25.48 10.55
C THR A 241 -10.91 -26.60 11.54
N ARG A 242 -9.98 -26.89 12.43
CA ARG A 242 -10.11 -28.00 13.38
C ARG A 242 -10.09 -27.52 14.84
N GLU A 243 -10.25 -28.44 15.78
CA GLU A 243 -10.35 -28.11 17.21
C GLU A 243 -9.16 -27.30 17.72
N ASN A 244 -7.96 -27.76 17.40
CA ASN A 244 -6.73 -27.03 17.70
C ASN A 244 -6.19 -26.34 16.47
N VAL A 245 -5.59 -25.17 16.66
CA VAL A 245 -4.98 -24.42 15.55
C VAL A 245 -3.68 -25.09 15.13
N LEU A 246 -3.47 -25.21 13.82
CA LEU A 246 -2.26 -25.79 13.27
C LEU A 246 -1.40 -24.71 12.62
N VAL A 247 -0.13 -24.62 13.04
CA VAL A 247 0.80 -23.63 12.50
C VAL A 247 2.00 -24.34 11.87
N GLU A 248 2.19 -24.11 10.57
CA GLU A 248 3.28 -24.76 9.83
C GLU A 248 4.41 -23.79 9.52
N THR A 249 5.64 -24.29 9.58
CA THR A 249 6.82 -23.48 9.28
C THR A 249 7.47 -23.91 7.95
N LEU A 250 8.35 -23.05 7.42
CA LEU A 250 9.03 -23.29 6.16
C LEU A 250 9.94 -24.52 6.19
N ASN A 251 10.54 -24.78 7.36
CA ASN A 251 11.39 -25.96 7.56
C ASN A 251 10.60 -27.23 7.92
N HIS A 252 9.32 -27.21 7.56
CA HIS A 252 8.41 -28.38 7.56
C HIS A 252 7.81 -28.82 8.91
N GLU A 253 8.09 -28.07 9.98
CA GLU A 253 7.58 -28.41 11.31
C GLU A 253 6.12 -28.01 11.48
N MET A 254 5.40 -28.79 12.30
CA MET A 254 4.00 -28.50 12.62
C MET A 254 3.86 -28.20 14.11
N TYR A 255 3.13 -27.13 14.42
CA TYR A 255 2.84 -26.77 15.80
C TYR A 255 1.35 -26.70 16.03
N GLU A 256 0.92 -27.23 17.17
CA GLU A 256 -0.50 -27.29 17.52
C GLU A 256 -0.75 -26.48 18.79
N ALA A 257 -1.75 -25.62 18.75
CA ALA A 257 -2.03 -24.71 19.87
C ALA A 257 -3.51 -24.39 20.03
N LYS A 258 -3.87 -23.89 21.21
CA LYS A 258 -5.23 -23.42 21.48
C LYS A 258 -5.47 -22.06 20.82
N TYR A 259 -4.46 -21.18 20.89
CA TYR A 259 -4.53 -19.83 20.34
C TYR A 259 -3.21 -19.44 19.69
N VAL A 260 -3.26 -18.41 18.85
CA VAL A 260 -2.08 -17.86 18.19
C VAL A 260 -2.01 -16.36 18.41
N ILE A 261 -0.81 -15.84 18.66
CA ILE A 261 -0.57 -14.40 18.61
C ILE A 261 0.29 -14.08 17.39
N SER A 262 -0.23 -13.22 16.51
CA SER A 262 0.55 -12.71 15.38
C SER A 262 1.28 -11.44 15.84
N ALA A 263 2.59 -11.52 15.99
CA ALA A 263 3.39 -10.41 16.49
C ALA A 263 4.34 -9.84 15.44
N ILE A 264 3.89 -9.85 14.19
CA ILE A 264 4.67 -9.39 13.04
C ILE A 264 4.04 -8.11 12.43
N PRO A 265 4.82 -7.30 11.69
CA PRO A 265 4.23 -6.15 10.99
C PRO A 265 2.97 -6.56 10.21
N PRO A 266 1.90 -5.74 10.24
CA PRO A 266 0.64 -6.14 9.59
C PRO A 266 0.79 -6.68 8.17
N THR A 267 1.56 -5.99 7.31
CA THR A 267 1.69 -6.44 5.92
C THR A 267 2.41 -7.79 5.78
N LEU A 268 3.25 -8.11 6.76
CA LEU A 268 3.97 -9.39 6.73
C LEU A 268 3.06 -10.60 6.96
N GLY A 269 1.81 -10.34 7.33
CA GLY A 269 0.78 -11.38 7.37
C GLY A 269 0.55 -11.99 6.00
N MET A 270 0.91 -11.25 4.94
CA MET A 270 0.80 -11.75 3.57
C MET A 270 1.67 -12.97 3.30
N LYS A 271 2.71 -13.15 4.11
CA LYS A 271 3.65 -14.26 3.94
C LYS A 271 3.09 -15.59 4.46
N ILE A 272 1.90 -15.52 5.06
CA ILE A 272 1.24 -16.69 5.62
C ILE A 272 0.00 -17.01 4.78
N HIS A 273 -0.16 -18.29 4.44
CA HIS A 273 -1.35 -18.75 3.74
C HIS A 273 -2.36 -19.18 4.78
N PHE A 274 -3.60 -18.69 4.66
CA PHE A 274 -4.61 -18.93 5.69
C PHE A 274 -5.71 -19.90 5.26
N ASN A 275 -6.06 -20.80 6.19
CA ASN A 275 -7.20 -21.69 6.03
C ASN A 275 -8.05 -21.65 7.31
N PRO A 276 -9.32 -21.19 7.22
CA PRO A 276 -9.97 -20.66 6.02
C PRO A 276 -9.36 -19.30 5.63
N PRO A 277 -9.72 -18.77 4.44
CA PRO A 277 -9.20 -17.47 4.05
C PRO A 277 -9.55 -16.40 5.09
N LEU A 278 -8.73 -15.35 5.16
CA LEU A 278 -9.04 -14.23 6.06
C LEU A 278 -10.34 -13.55 5.64
N PRO A 279 -11.04 -12.92 6.60
CA PRO A 279 -12.20 -12.11 6.22
C PRO A 279 -11.77 -11.02 5.25
N MET A 280 -12.70 -10.59 4.39
CA MET A 280 -12.43 -9.61 3.34
C MET A 280 -11.63 -8.38 3.78
N MET A 281 -12.04 -7.77 4.89
CA MET A 281 -11.42 -6.52 5.31
C MET A 281 -9.95 -6.71 5.70
N ARG A 282 -9.63 -7.75 6.45
CA ARG A 282 -8.22 -8.02 6.75
C ARG A 282 -7.43 -8.44 5.51
N ASN A 283 -8.05 -9.26 4.66
CA ASN A 283 -7.42 -9.70 3.41
C ASN A 283 -6.87 -8.54 2.59
N GLN A 284 -7.68 -7.49 2.44
CA GLN A 284 -7.25 -6.31 1.70
C GLN A 284 -6.39 -5.34 2.53
N MET A 285 -6.66 -5.24 3.83
CA MET A 285 -5.89 -4.34 4.71
C MET A 285 -4.40 -4.63 4.64
N ILE A 286 -4.04 -5.91 4.66
CA ILE A 286 -2.63 -6.29 4.75
C ILE A 286 -1.84 -6.04 3.45
N THR A 287 -2.54 -5.59 2.40
CA THR A 287 -1.92 -5.17 1.13
C THR A 287 -1.83 -3.64 1.00
N ARG A 288 -2.30 -2.92 2.03
CA ARG A 288 -2.47 -1.48 1.96
C ARG A 288 -1.63 -0.70 2.97
N VAL A 289 -0.71 -1.40 3.63
CA VAL A 289 -0.02 -0.85 4.81
C VAL A 289 1.51 -1.09 4.76
N PRO A 290 2.22 -0.27 3.97
CA PRO A 290 3.67 -0.40 3.82
C PRO A 290 4.43 0.13 5.03
N LEU A 291 5.70 -0.27 5.16
CA LEU A 291 6.60 0.31 6.15
C LEU A 291 7.51 1.34 5.49
N GLY A 292 8.02 2.27 6.29
CA GLY A 292 8.88 3.34 5.78
C GLY A 292 10.27 2.91 5.35
N SER A 293 11.07 3.86 4.90
CA SER A 293 12.39 3.61 4.33
C SER A 293 13.47 4.40 5.06
N VAL A 294 14.50 3.71 5.55
CA VAL A 294 15.55 4.38 6.30
C VAL A 294 16.86 3.57 6.30
N ILE A 295 17.98 4.29 6.24
CA ILE A 295 19.30 3.71 6.51
C ILE A 295 19.81 4.39 7.79
N LYS A 296 20.14 3.59 8.81
CA LYS A 296 20.74 4.12 10.04
C LYS A 296 22.26 4.00 9.94
N CYS A 297 22.94 5.14 10.10
CA CYS A 297 24.39 5.20 9.86
C CYS A 297 25.12 5.75 11.07
N ILE A 298 26.19 5.06 11.49
CA ILE A 298 26.97 5.53 12.64
C ILE A 298 28.45 5.71 12.25
N VAL A 299 28.93 6.95 12.36
CA VAL A 299 30.31 7.29 12.02
C VAL A 299 31.11 7.50 13.31
N TYR A 300 32.23 6.77 13.43
CA TYR A 300 33.07 6.79 14.64
C TYR A 300 34.29 7.67 14.48
N TYR A 301 34.65 8.34 15.58
CA TYR A 301 35.79 9.26 15.62
C TYR A 301 36.67 9.01 16.85
N LYS A 302 37.89 9.56 16.83
CA LYS A 302 38.81 9.37 17.95
C LYS A 302 38.30 10.01 19.26
N GLU A 303 37.67 11.18 19.13
CA GLU A 303 37.13 11.94 20.26
C GLU A 303 35.82 12.60 19.85
N PRO A 304 34.94 12.91 20.84
CA PRO A 304 33.73 13.65 20.52
C PRO A 304 34.07 15.15 20.33
N PHE A 305 34.76 15.43 19.22
CA PHE A 305 35.36 16.74 18.98
C PHE A 305 34.37 17.90 18.92
N TRP A 306 33.13 17.61 18.53
CA TRP A 306 32.07 18.63 18.48
C TRP A 306 31.81 19.31 19.82
N ARG A 307 31.99 18.57 20.91
CA ARG A 307 31.76 19.10 22.26
C ARG A 307 32.69 20.26 22.59
N LYS A 308 33.91 20.22 22.06
CA LYS A 308 34.89 21.30 22.24
C LYS A 308 34.44 22.63 21.64
N LYS A 309 33.61 22.55 20.60
CA LYS A 309 33.02 23.73 19.95
C LYS A 309 31.66 24.12 20.53
N ASP A 310 31.29 23.47 21.64
CA ASP A 310 30.02 23.70 22.33
C ASP A 310 28.83 23.26 21.46
N TYR A 311 29.03 22.15 20.74
CA TYR A 311 27.97 21.47 20.02
C TYR A 311 27.73 20.11 20.66
N CYS A 312 26.48 19.73 20.89
CA CYS A 312 26.19 18.46 21.54
C CYS A 312 26.26 17.28 20.58
N GLY A 313 26.10 17.55 19.29
CA GLY A 313 26.14 16.50 18.26
C GLY A 313 24.82 16.38 17.52
N THR A 314 23.80 17.06 18.01
CA THR A 314 22.49 17.10 17.35
C THR A 314 22.54 18.07 16.18
N MET A 315 22.18 17.57 14.99
CA MET A 315 22.10 18.41 13.79
C MET A 315 20.75 18.18 13.11
N ILE A 316 20.04 19.28 12.84
CA ILE A 316 18.80 19.25 12.07
C ILE A 316 19.13 19.89 10.72
N ILE A 317 19.16 19.08 9.67
CA ILE A 317 19.75 19.50 8.39
C ILE A 317 18.72 19.48 7.26
N ASP A 318 18.35 20.68 6.79
CA ASP A 318 17.34 20.82 5.75
C ASP A 318 18.02 20.81 4.37
N GLY A 319 17.27 20.42 3.34
CA GLY A 319 17.76 20.52 1.97
C GLY A 319 17.97 19.19 1.27
N GLU A 320 17.62 19.17 -0.01
CA GLU A 320 17.66 17.95 -0.82
C GLU A 320 19.06 17.34 -0.93
N GLU A 321 20.08 18.21 -0.92
CA GLU A 321 21.46 17.80 -1.15
C GLU A 321 22.03 16.98 0.02
N ALA A 322 21.56 17.28 1.23
CA ALA A 322 22.04 16.59 2.42
C ALA A 322 21.51 15.14 2.47
N PRO A 323 22.42 14.15 2.52
CA PRO A 323 21.95 12.75 2.63
C PRO A 323 21.25 12.46 3.96
N VAL A 324 21.72 13.08 5.04
CA VAL A 324 21.19 12.88 6.39
C VAL A 324 20.50 14.15 6.87
N ALA A 325 19.25 14.02 7.35
CA ALA A 325 18.48 15.17 7.83
C ALA A 325 18.53 15.36 9.35
N TYR A 326 19.00 14.35 10.07
CA TYR A 326 19.01 14.40 11.54
C TYR A 326 20.09 13.52 12.14
N THR A 327 20.83 14.07 13.11
CA THR A 327 21.86 13.34 13.84
C THR A 327 21.73 13.50 15.35
N LEU A 328 22.28 12.52 16.09
CA LEU A 328 22.47 12.61 17.54
C LEU A 328 23.86 12.07 17.91
N ASP A 329 24.44 12.61 18.99
CA ASP A 329 25.66 12.07 19.58
C ASP A 329 25.42 10.61 20.01
N ASP A 330 26.25 9.69 19.53
CA ASP A 330 26.13 8.26 19.88
C ASP A 330 27.32 7.74 20.71
N THR A 331 28.09 8.67 21.26
CA THR A 331 29.21 8.37 22.16
C THR A 331 28.72 7.56 23.38
N LYS A 332 29.56 6.65 23.86
CA LYS A 332 29.23 5.81 25.02
C LYS A 332 29.18 6.68 26.28
N PRO A 333 28.41 6.24 27.31
CA PRO A 333 28.29 7.04 28.53
C PRO A 333 29.63 7.30 29.23
N GLU A 334 30.59 6.42 29.02
CA GLU A 334 31.94 6.56 29.58
C GLU A 334 32.78 7.62 28.86
N GLY A 335 32.29 8.08 27.69
CA GLY A 335 32.95 9.14 26.93
C GLY A 335 33.82 8.63 25.80
N ASN A 336 33.89 7.30 25.66
CA ASN A 336 34.66 6.68 24.60
C ASN A 336 33.80 6.16 23.44
N TYR A 337 34.45 5.59 22.42
CA TYR A 337 33.77 5.19 21.18
C TYR A 337 32.94 6.35 20.60
N ALA A 338 33.56 7.54 20.58
CA ALA A 338 32.92 8.74 20.04
C ALA A 338 32.28 8.47 18.69
N ALA A 339 31.05 8.93 18.50
CA ALA A 339 30.28 8.62 17.30
C ALA A 339 29.14 9.59 17.06
N ILE A 340 28.76 9.73 15.78
CA ILE A 340 27.58 10.47 15.37
C ILE A 340 26.62 9.49 14.69
N MET A 341 25.38 9.44 15.17
CA MET A 341 24.32 8.65 14.53
C MET A 341 23.53 9.57 13.60
N GLY A 342 23.26 9.11 12.38
CA GLY A 342 22.42 9.86 11.46
C GLY A 342 21.48 8.98 10.68
N PHE A 343 20.31 9.52 10.31
CA PHE A 343 19.31 8.81 9.51
C PHE A 343 19.28 9.31 8.06
N ILE A 344 19.32 8.39 7.11
CA ILE A 344 19.02 8.71 5.71
C ILE A 344 17.56 8.32 5.46
N LEU A 345 16.72 9.31 5.13
CA LEU A 345 15.26 9.15 5.23
C LEU A 345 14.50 9.06 3.90
N ALA A 346 13.48 8.20 3.88
CA ALA A 346 12.47 8.14 2.80
C ALA A 346 13.10 8.05 1.41
N HIS A 347 12.81 8.99 0.50
CA HIS A 347 13.34 8.86 -0.88
C HIS A 347 14.88 8.81 -0.94
N LYS A 348 15.53 9.43 0.03
CA LYS A 348 17.01 9.42 0.07
C LYS A 348 17.57 8.03 0.39
N ALA A 349 16.84 7.25 1.18
CA ALA A 349 17.23 5.87 1.46
C ALA A 349 17.22 5.06 0.15
N ARG A 350 16.17 5.27 -0.66
CA ARG A 350 16.06 4.63 -1.98
C ARG A 350 17.17 5.12 -2.92
N LYS A 351 17.39 6.42 -2.97
CA LYS A 351 18.35 7.04 -3.88
C LYS A 351 19.79 6.62 -3.57
N LEU A 352 20.16 6.69 -2.30
CA LEU A 352 21.56 6.48 -1.90
C LEU A 352 21.95 5.02 -1.64
N ALA A 353 20.96 4.13 -1.67
CA ALA A 353 21.21 2.69 -1.58
C ALA A 353 22.04 2.19 -2.77
N ARG A 354 21.97 2.92 -3.89
CA ARG A 354 22.72 2.58 -5.11
C ARG A 354 24.24 2.65 -4.91
N LEU A 355 24.67 3.49 -3.99
CA LEU A 355 26.09 3.71 -3.73
C LEU A 355 26.72 2.56 -2.93
N THR A 356 28.05 2.56 -2.84
CA THR A 356 28.74 1.62 -1.97
C THR A 356 28.76 2.16 -0.54
N LYS A 357 29.08 1.29 0.42
CA LYS A 357 29.23 1.68 1.81
C LYS A 357 30.26 2.80 1.97
N GLU A 358 31.38 2.67 1.26
CA GLU A 358 32.46 3.66 1.28
C GLU A 358 32.00 5.01 0.72
N GLU A 359 31.20 4.98 -0.34
CA GLU A 359 30.66 6.19 -0.93
C GLU A 359 29.71 6.94 0.00
N ARG A 360 28.86 6.19 0.73
CA ARG A 360 27.98 6.79 1.73
C ARG A 360 28.77 7.41 2.89
N LEU A 361 29.77 6.69 3.38
CA LEU A 361 30.63 7.21 4.47
C LEU A 361 31.25 8.56 4.09
N LYS A 362 31.79 8.64 2.87
CA LYS A 362 32.39 9.88 2.38
C LYS A 362 31.40 11.04 2.34
N LYS A 363 30.21 10.79 1.79
CA LYS A 363 29.16 11.81 1.72
C LYS A 363 28.73 12.30 3.11
N LEU A 364 28.63 11.38 4.07
CA LEU A 364 28.25 11.75 5.43
C LEU A 364 29.33 12.60 6.10
N CYS A 365 30.59 12.19 5.98
CA CYS A 365 31.70 12.94 6.60
C CYS A 365 31.82 14.35 6.04
N GLU A 366 31.65 14.49 4.73
CA GLU A 366 31.70 15.79 4.08
C GLU A 366 30.55 16.70 4.51
N LEU A 367 29.37 16.12 4.68
CA LEU A 367 28.22 16.84 5.21
C LEU A 367 28.50 17.29 6.65
N TYR A 368 28.92 16.36 7.51
CA TYR A 368 29.19 16.69 8.91
C TYR A 368 30.28 17.76 9.07
N ALA A 369 31.32 17.70 8.23
CA ALA A 369 32.40 18.70 8.28
C ALA A 369 31.86 20.10 8.00
N LYS A 370 30.95 20.17 7.03
CA LYS A 370 30.30 21.42 6.66
C LYS A 370 29.43 21.94 7.81
N VAL A 371 28.56 21.07 8.34
CA VAL A 371 27.58 21.47 9.35
C VAL A 371 28.26 21.87 10.65
N LEU A 372 29.28 21.10 11.04
CA LEU A 372 30.00 21.32 12.31
C LEU A 372 31.16 22.30 12.13
N GLY A 373 31.41 22.72 10.89
CA GLY A 373 32.54 23.59 10.58
C GLY A 373 33.86 23.03 11.08
N SER A 374 34.04 21.72 10.92
CA SER A 374 35.17 21.01 11.51
C SER A 374 35.82 20.02 10.55
N LEU A 375 37.08 20.26 10.21
CA LEU A 375 37.86 19.33 9.38
C LEU A 375 38.03 17.95 10.05
N GLU A 376 37.91 17.91 11.38
CA GLU A 376 38.03 16.65 12.12
C GLU A 376 36.98 15.62 11.67
N ALA A 377 35.84 16.10 11.17
CA ALA A 377 34.77 15.20 10.69
C ALA A 377 35.17 14.39 9.46
N LEU A 378 36.26 14.79 8.81
CA LEU A 378 36.77 14.09 7.63
C LEU A 378 37.73 12.94 7.99
N GLU A 379 37.93 12.70 9.29
CA GLU A 379 38.82 11.63 9.74
C GLU A 379 38.13 10.54 10.58
N PRO A 380 37.16 9.81 9.98
CA PRO A 380 36.49 8.76 10.74
C PRO A 380 37.44 7.60 11.04
N VAL A 381 37.21 6.90 12.15
CA VAL A 381 38.00 5.73 12.51
C VAL A 381 37.27 4.41 12.20
N HIS A 382 35.95 4.49 12.06
CA HIS A 382 35.11 3.31 11.84
C HIS A 382 33.72 3.77 11.37
N TYR A 383 32.96 2.83 10.81
CA TYR A 383 31.63 3.10 10.27
C TYR A 383 30.78 1.84 10.34
N GLU A 384 29.52 1.99 10.76
CA GLU A 384 28.53 0.91 10.68
C GLU A 384 27.22 1.47 10.13
N GLU A 385 26.49 0.65 9.38
CA GLU A 385 25.22 1.09 8.80
C GLU A 385 24.26 -0.09 8.61
N LYS A 386 22.96 0.20 8.56
CA LYS A 386 21.98 -0.82 8.20
C LYS A 386 20.83 -0.19 7.40
N ASN A 387 20.61 -0.73 6.19
CA ASN A 387 19.49 -0.33 5.35
C ASN A 387 18.32 -1.27 5.60
N TRP A 388 17.30 -0.79 6.31
CA TRP A 388 16.19 -1.65 6.71
C TRP A 388 15.20 -2.00 5.58
N CYS A 389 15.34 -1.30 4.45
CA CYS A 389 14.51 -1.56 3.26
C CYS A 389 14.76 -2.95 2.65
N GLU A 390 15.94 -3.53 2.93
CA GLU A 390 16.31 -4.81 2.34
C GLU A 390 15.80 -6.04 3.11
N GLU A 391 15.20 -5.81 4.28
CA GLU A 391 14.82 -6.89 5.19
C GLU A 391 13.50 -7.57 4.83
N GLN A 392 13.58 -8.85 4.42
CA GLN A 392 12.40 -9.63 4.07
C GLN A 392 11.43 -9.76 5.23
N TYR A 393 11.97 -9.90 6.46
CA TYR A 393 11.11 -10.14 7.63
C TYR A 393 10.87 -8.90 8.50
N SER A 394 11.15 -7.71 7.94
CA SER A 394 10.73 -6.44 8.52
C SER A 394 9.86 -5.64 7.54
N GLY A 395 10.34 -5.52 6.30
CA GLY A 395 9.63 -4.74 5.26
C GLY A 395 10.05 -3.28 5.19
N GLY A 396 10.78 -2.83 6.20
CA GLY A 396 11.18 -1.43 6.35
C GLY A 396 11.32 -1.04 7.81
N CYS A 397 11.50 0.26 8.05
CA CYS A 397 11.55 0.82 9.40
C CYS A 397 11.21 2.32 9.32
N TYR A 398 10.81 2.94 10.43
CA TYR A 398 10.68 2.31 11.76
C TYR A 398 9.42 1.47 11.86
N THR A 399 8.39 1.89 11.12
CA THR A 399 7.06 1.33 11.32
C THR A 399 6.18 1.46 10.08
N THR A 400 4.95 0.97 10.21
CA THR A 400 3.95 0.98 9.15
C THR A 400 3.29 2.36 9.03
N TYR A 401 3.20 2.87 7.80
CA TYR A 401 2.44 4.09 7.52
C TYR A 401 1.15 3.80 6.74
N PHE A 402 0.17 4.70 6.86
CA PHE A 402 -1.10 4.55 6.16
C PHE A 402 -1.24 5.61 5.07
N PRO A 403 -1.32 5.19 3.79
CA PRO A 403 -1.62 6.12 2.69
C PRO A 403 -3.04 6.71 2.78
N PRO A 404 -3.31 7.78 2.03
CA PRO A 404 -4.64 8.40 2.13
C PRO A 404 -5.79 7.42 1.90
N GLY A 405 -6.79 7.49 2.78
CA GLY A 405 -8.03 6.74 2.62
C GLY A 405 -8.09 5.40 3.33
N ILE A 406 -6.94 4.93 3.82
CA ILE A 406 -6.85 3.55 4.34
C ILE A 406 -7.28 3.42 5.79
N LEU A 407 -6.86 4.35 6.64
CA LEU A 407 -7.13 4.25 8.09
C LEU A 407 -8.63 4.26 8.40
N THR A 408 -9.39 5.09 7.71
CA THR A 408 -10.85 5.14 7.93
C THR A 408 -11.53 3.89 7.42
N GLN A 409 -11.07 3.36 6.29
CA GLN A 409 -11.73 2.21 5.66
C GLN A 409 -11.36 0.87 6.29
N TYR A 410 -10.11 0.74 6.74
CA TYR A 410 -9.59 -0.55 7.21
C TYR A 410 -9.04 -0.55 8.63
N GLY A 411 -8.90 0.64 9.23
CA GLY A 411 -8.24 0.77 10.54
C GLY A 411 -8.83 -0.07 11.65
N ARG A 412 -10.16 -0.23 11.65
CA ARG A 412 -10.82 -0.92 12.75
C ARG A 412 -10.51 -2.41 12.86
N VAL A 413 -9.98 -3.01 11.79
CA VAL A 413 -9.68 -4.44 11.85
C VAL A 413 -8.22 -4.75 12.22
N LEU A 414 -7.41 -3.70 12.42
CA LEU A 414 -5.99 -3.88 12.77
C LEU A 414 -5.72 -4.89 13.89
N ARG A 415 -6.43 -4.75 15.00
CA ARG A 415 -6.23 -5.65 16.14
C ARG A 415 -7.48 -6.50 16.48
N GLN A 416 -8.40 -6.58 15.53
CA GLN A 416 -9.58 -7.44 15.68
C GLN A 416 -9.20 -8.92 15.53
N PRO A 417 -9.50 -9.74 16.54
CA PRO A 417 -9.16 -11.17 16.45
C PRO A 417 -9.83 -11.85 15.26
N VAL A 418 -9.13 -12.82 14.69
CA VAL A 418 -9.66 -13.66 13.62
C VAL A 418 -9.76 -15.08 14.18
N ASP A 419 -10.95 -15.44 14.65
CA ASP A 419 -11.20 -16.71 15.34
C ASP A 419 -10.28 -16.82 16.57
N ARG A 420 -9.22 -17.63 16.47
CA ARG A 420 -8.30 -17.83 17.60
C ARG A 420 -6.93 -17.16 17.43
N ILE A 421 -6.81 -16.32 16.40
CA ILE A 421 -5.62 -15.50 16.18
C ILE A 421 -5.84 -14.10 16.76
N TYR A 422 -4.93 -13.68 17.64
CA TYR A 422 -4.95 -12.35 18.25
C TYR A 422 -3.73 -11.58 17.73
N PHE A 423 -3.81 -10.25 17.73
CA PHE A 423 -2.79 -9.44 17.07
C PHE A 423 -2.00 -8.52 17.99
N ALA A 424 -0.69 -8.76 18.04
CA ALA A 424 0.25 -7.91 18.77
C ALA A 424 1.03 -7.06 17.76
N GLY A 425 2.25 -6.68 18.12
CA GLY A 425 3.06 -5.83 17.25
C GLY A 425 2.83 -4.36 17.56
N THR A 426 3.88 -3.57 17.45
CA THR A 426 3.79 -2.15 17.83
C THR A 426 2.69 -1.38 17.07
N GLU A 427 2.39 -1.81 15.84
CA GLU A 427 1.39 -1.14 15.00
C GLU A 427 -0.01 -1.16 15.62
N THR A 428 -0.25 -2.11 16.54
CA THR A 428 -1.55 -2.24 17.20
C THR A 428 -1.65 -1.54 18.56
N ALA A 429 -0.57 -0.86 18.97
CA ALA A 429 -0.56 -0.11 20.24
C ALA A 429 -1.37 1.19 20.15
N THR A 430 -1.73 1.73 21.32
CA THR A 430 -2.51 2.98 21.41
C THR A 430 -1.72 4.11 22.07
N HIS A 431 -0.51 3.79 22.54
CA HIS A 431 0.39 4.77 23.14
C HIS A 431 1.82 4.41 22.74
N TRP A 432 2.48 5.34 22.03
CA TRP A 432 3.78 5.10 21.39
C TRP A 432 3.78 3.90 20.43
N SER A 433 2.67 3.73 19.68
CA SER A 433 2.69 2.85 18.51
C SER A 433 3.81 3.27 17.58
N GLY A 434 4.56 2.30 17.07
CA GLY A 434 5.72 2.55 16.20
C GLY A 434 7.05 2.41 16.93
N TYR A 435 6.97 2.37 18.26
CA TYR A 435 8.15 2.36 19.15
C TYR A 435 8.27 1.03 19.90
N MET A 436 9.41 0.84 20.56
CA MET A 436 9.59 -0.32 21.45
C MET A 436 8.53 -0.33 22.56
N GLU A 437 8.18 0.85 23.06
CA GLU A 437 7.12 1.00 24.06
C GLU A 437 5.79 0.38 23.58
N GLY A 438 5.38 0.76 22.38
CA GLY A 438 4.17 0.21 21.76
C GLY A 438 4.22 -1.30 21.56
N ALA A 439 5.41 -1.82 21.27
CA ALA A 439 5.59 -3.26 21.16
C ALA A 439 5.23 -3.96 22.47
N VAL A 440 5.68 -3.42 23.59
CA VAL A 440 5.37 -4.01 24.91
C VAL A 440 3.87 -3.92 25.21
N GLU A 441 3.29 -2.73 25.03
CA GLU A 441 1.86 -2.56 25.26
C GLU A 441 1.04 -3.60 24.48
N ALA A 442 1.33 -3.73 23.20
CA ALA A 442 0.56 -4.60 22.30
C ALA A 442 0.72 -6.09 22.61
N GLY A 443 1.95 -6.50 22.92
CA GLY A 443 2.22 -7.90 23.22
C GLY A 443 1.53 -8.34 24.50
N GLU A 444 1.61 -7.50 25.53
CA GLU A 444 0.98 -7.80 26.81
C GLU A 444 -0.55 -7.75 26.72
N ARG A 445 -1.09 -6.80 25.97
CA ARG A 445 -2.54 -6.71 25.74
C ARG A 445 -3.07 -7.95 24.99
N ALA A 446 -2.37 -8.38 23.93
CA ALA A 446 -2.78 -9.56 23.18
C ALA A 446 -2.74 -10.82 24.04
N ALA A 447 -1.71 -10.90 24.88
CA ALA A 447 -1.58 -12.02 25.84
C ALA A 447 -2.77 -12.04 26.80
N ARG A 448 -3.16 -10.88 27.31
CA ARG A 448 -4.29 -10.79 28.24
C ARG A 448 -5.65 -11.06 27.56
N GLU A 449 -5.75 -10.74 26.28
CA GLU A 449 -6.94 -11.11 25.49
C GLU A 449 -7.16 -12.62 25.50
N ILE A 450 -6.07 -13.36 25.33
CA ILE A 450 -6.09 -14.82 25.41
C ILE A 450 -6.40 -15.33 26.83
N LEU A 451 -5.76 -14.74 27.85
CA LEU A 451 -6.08 -15.09 29.24
C LEU A 451 -7.57 -14.89 29.54
N HIS A 452 -8.15 -13.81 29.02
CA HIS A 452 -9.58 -13.58 29.17
C HIS A 452 -10.42 -14.62 28.42
N ALA A 453 -9.98 -14.98 27.21
CA ALA A 453 -10.66 -16.00 26.41
C ALA A 453 -10.67 -17.37 27.12
N MET A 454 -9.64 -17.62 27.91
CA MET A 454 -9.51 -18.86 28.67
C MET A 454 -10.23 -18.80 30.02
N GLY A 455 -10.78 -17.63 30.35
CA GLY A 455 -11.53 -17.43 31.59
C GLY A 455 -10.64 -17.27 32.82
N LYS A 456 -9.39 -16.88 32.61
CA LYS A 456 -8.41 -16.75 33.69
C LYS A 456 -8.37 -15.36 34.33
N ILE A 457 -8.77 -14.34 33.56
CA ILE A 457 -8.87 -12.97 34.07
C ILE A 457 -10.19 -12.31 33.61
N PRO A 458 -10.71 -11.32 34.37
CA PRO A 458 -11.90 -10.59 33.92
C PRO A 458 -11.61 -9.65 32.73
N GLU A 459 -12.68 -9.22 32.07
CA GLU A 459 -12.60 -8.34 30.90
C GLU A 459 -11.86 -7.03 31.18
N ASP A 460 -12.08 -6.45 32.36
CA ASP A 460 -11.48 -5.17 32.73
C ASP A 460 -9.97 -5.23 32.97
N GLU A 461 -9.39 -6.43 32.90
CA GLU A 461 -7.96 -6.62 33.10
C GLU A 461 -7.18 -6.79 31.80
N ILE A 462 -7.88 -6.75 30.66
CA ILE A 462 -7.23 -6.87 29.35
C ILE A 462 -6.31 -5.67 29.08
N TRP A 463 -6.85 -4.48 29.29
CA TRP A 463 -6.08 -3.25 29.15
C TRP A 463 -5.66 -2.76 30.53
N GLN A 464 -4.36 -2.63 30.75
CA GLN A 464 -3.83 -2.26 32.07
C GLN A 464 -2.93 -1.05 32.04
N SER A 465 -3.16 -0.14 32.99
CA SER A 465 -2.33 1.05 33.15
C SER A 465 -0.94 0.67 33.63
N GLU A 466 0.02 1.59 33.46
CA GLU A 466 1.40 1.36 33.87
C GLU A 466 1.88 2.45 34.83
N PRO A 467 2.39 2.06 36.00
CA PRO A 467 2.93 3.05 36.94
C PRO A 467 4.13 3.79 36.33
N GLU A 468 4.29 5.06 36.69
CA GLU A 468 5.39 5.86 36.16
C GLU A 468 6.74 5.38 36.68
N SER A 469 7.72 5.34 35.79
CA SER A 469 9.10 5.01 36.14
C SER A 469 9.63 5.97 37.20
N VAL A 470 10.32 5.42 38.21
CA VAL A 470 10.98 6.25 39.22
C VAL A 470 12.34 6.76 38.72
N ASP A 471 12.90 6.06 37.74
CA ASP A 471 14.23 6.37 37.21
C ASP A 471 14.18 7.41 36.10
N VAL A 472 13.06 7.44 35.38
CA VAL A 472 12.89 8.35 34.24
C VAL A 472 11.60 9.16 34.42
N PRO A 473 11.63 10.16 35.31
CA PRO A 473 10.44 10.97 35.57
C PRO A 473 10.07 11.82 34.36
N ALA A 474 8.77 12.08 34.20
CA ALA A 474 8.26 12.84 33.07
C ALA A 474 7.84 14.24 33.50
N GLN A 475 8.52 15.24 32.96
CA GLN A 475 8.10 16.63 33.16
C GLN A 475 6.93 16.91 32.23
N PRO A 476 5.95 17.70 32.69
CA PRO A 476 4.78 18.01 31.86
C PRO A 476 5.13 18.88 30.67
N ILE A 477 4.33 18.78 29.61
CA ILE A 477 4.50 19.64 28.44
C ILE A 477 3.78 20.96 28.71
N THR A 478 4.52 22.07 28.62
CA THR A 478 3.96 23.39 28.93
C THR A 478 4.02 24.31 27.70
N THR A 479 3.18 25.34 27.71
CA THR A 479 3.21 26.39 26.68
C THR A 479 3.19 27.75 27.34
N THR A 480 3.63 28.78 26.62
CA THR A 480 3.56 30.16 27.11
C THR A 480 2.26 30.81 26.65
N PHE A 481 1.91 31.93 27.29
CA PHE A 481 0.74 32.71 26.90
C PHE A 481 0.79 33.12 25.43
N LEU A 482 1.95 33.60 24.99
CA LEU A 482 2.14 34.05 23.61
C LEU A 482 2.02 32.90 22.61
N GLU A 483 2.59 31.75 22.94
CA GLU A 483 2.49 30.55 22.09
C GLU A 483 1.02 30.14 21.90
N ARG A 484 0.24 30.24 22.97
CA ARG A 484 -1.17 29.88 22.93
C ARG A 484 -2.06 30.85 22.14
N HIS A 485 -1.77 32.14 22.21
CA HIS A 485 -2.70 33.17 21.72
C HIS A 485 -2.28 34.01 20.51
N LEU A 486 -1.00 33.94 20.11
CA LEU A 486 -0.55 34.67 18.93
C LEU A 486 -1.28 34.17 17.68
N PRO A 487 -1.66 35.10 16.77
CA PRO A 487 -2.41 34.69 15.58
C PRO A 487 -1.56 33.92 14.57
N SER A 488 -2.23 33.17 13.71
CA SER A 488 -1.61 32.61 12.52
C SER A 488 -1.38 33.73 11.52
N VAL A 489 -0.70 33.43 10.41
CA VAL A 489 -0.50 34.41 9.34
C VAL A 489 -1.85 34.89 8.75
N PRO A 490 -2.73 33.95 8.31
CA PRO A 490 -4.04 34.41 7.82
C PRO A 490 -4.89 35.07 8.91
N GLY A 491 -4.70 34.66 10.16
CA GLY A 491 -5.33 35.30 11.30
C GLY A 491 -4.93 36.75 11.44
N LEU A 492 -3.64 37.04 11.27
CA LEU A 492 -3.12 38.41 11.29
C LEU A 492 -3.66 39.23 10.12
N LEU A 493 -3.75 38.60 8.95
CA LEU A 493 -4.27 39.25 7.74
C LEU A 493 -5.76 39.60 7.87
N ARG A 494 -6.52 38.71 8.52
CA ARG A 494 -7.92 38.97 8.82
C ARG A 494 -8.06 40.16 9.78
N LEU A 495 -7.15 40.23 10.75
CA LEU A 495 -7.13 41.31 11.73
C LEU A 495 -6.78 42.65 11.08
N ILE A 496 -5.88 42.62 10.09
CA ILE A 496 -5.55 43.81 9.30
C ILE A 496 -6.74 44.22 8.43
N GLY A 497 -7.31 43.25 7.69
CA GLY A 497 -8.49 43.52 6.86
C GLY A 497 -9.67 44.09 7.63
N LEU A 498 -9.78 43.70 8.89
CA LEU A 498 -10.86 44.16 9.77
C LEU A 498 -10.65 45.60 10.23
N THR A 499 -9.41 45.92 10.63
CA THR A 499 -9.06 47.27 11.08
C THR A 499 -9.06 48.26 9.92
N THR A 500 -8.60 47.80 8.76
CA THR A 500 -8.62 48.62 7.54
C THR A 500 -9.94 48.40 6.80
N ILE A 501 -11.04 48.79 7.45
CA ILE A 501 -12.39 48.65 6.89
C ILE A 501 -13.32 49.72 7.45
N ASN B 3 8.46 -32.78 -11.25
CA ASN B 3 9.64 -32.19 -10.57
C ASN B 3 10.49 -31.34 -11.52
N LYS B 4 11.11 -31.96 -12.52
CA LYS B 4 12.07 -31.28 -13.39
C LYS B 4 11.44 -30.80 -14.69
N CYS B 5 11.65 -29.52 -15.02
CA CYS B 5 11.18 -28.93 -16.27
C CYS B 5 12.05 -27.75 -16.71
N ASP B 6 11.71 -27.14 -17.84
CA ASP B 6 12.43 -25.96 -18.33
C ASP B 6 11.96 -24.67 -17.66
N VAL B 7 10.66 -24.45 -17.62
CA VAL B 7 10.09 -23.24 -17.01
C VAL B 7 8.91 -23.56 -16.11
N VAL B 8 8.95 -23.03 -14.89
CA VAL B 8 7.79 -23.05 -13.99
C VAL B 8 7.07 -21.71 -14.15
N VAL B 9 5.77 -21.75 -14.43
CA VAL B 9 4.94 -20.56 -14.45
C VAL B 9 4.09 -20.55 -13.18
N VAL B 10 4.23 -19.48 -12.40
CA VAL B 10 3.46 -19.34 -11.17
C VAL B 10 2.19 -18.55 -11.46
N GLY B 11 1.05 -19.22 -11.39
CA GLY B 11 -0.24 -18.60 -11.68
C GLY B 11 -0.84 -19.01 -13.01
N GLY B 12 -2.07 -19.52 -12.96
CA GLY B 12 -2.79 -19.97 -14.14
C GLY B 12 -3.96 -19.08 -14.53
N GLY B 13 -3.76 -17.75 -14.45
CA GLY B 13 -4.70 -16.82 -15.07
C GLY B 13 -4.37 -16.69 -16.55
N ILE B 14 -5.02 -15.76 -17.25
CA ILE B 14 -4.77 -15.59 -18.69
C ILE B 14 -3.29 -15.32 -18.98
N SER B 15 -2.64 -14.52 -18.14
CA SER B 15 -1.24 -14.19 -18.41
C SER B 15 -0.31 -15.41 -18.30
N GLY B 16 -0.44 -16.17 -17.21
CA GLY B 16 0.36 -17.38 -17.02
C GLY B 16 0.08 -18.44 -18.08
N MET B 17 -1.21 -18.61 -18.42
CA MET B 17 -1.61 -19.54 -19.46
C MET B 17 -1.09 -19.16 -20.85
N ALA B 18 -1.14 -17.87 -21.18
CA ALA B 18 -0.61 -17.39 -22.46
C ALA B 18 0.90 -17.61 -22.55
N ALA B 19 1.60 -17.39 -21.43
CA ALA B 19 3.05 -17.59 -21.37
C ALA B 19 3.38 -19.07 -21.55
N ALA B 20 2.66 -19.91 -20.80
CA ALA B 20 2.89 -21.36 -20.86
C ALA B 20 2.63 -21.91 -22.26
N LYS B 21 1.56 -21.46 -22.90
CA LYS B 21 1.22 -21.90 -24.26
C LYS B 21 2.33 -21.56 -25.25
N LEU B 22 2.84 -20.33 -25.18
CA LEU B 22 3.90 -19.88 -26.10
C LEU B 22 5.15 -20.73 -25.94
N LEU B 23 5.54 -20.97 -24.69
CA LEU B 23 6.73 -21.78 -24.38
C LEU B 23 6.54 -23.23 -24.81
N HIS B 24 5.37 -23.79 -24.52
CA HIS B 24 4.99 -25.15 -24.93
C HIS B 24 5.04 -25.30 -26.45
N ASP B 25 4.45 -24.33 -27.17
CA ASP B 25 4.45 -24.33 -28.63
C ASP B 25 5.86 -24.20 -29.22
N SER B 26 6.79 -23.65 -28.44
CA SER B 26 8.18 -23.50 -28.88
C SER B 26 9.01 -24.76 -28.61
N GLY B 27 8.43 -25.72 -27.90
CA GLY B 27 9.07 -27.02 -27.65
C GLY B 27 9.69 -27.19 -26.28
N LEU B 28 9.43 -26.25 -25.38
CA LEU B 28 9.95 -26.34 -24.02
C LEU B 28 8.99 -27.07 -23.10
N ASN B 29 9.53 -27.71 -22.06
CA ASN B 29 8.73 -28.38 -21.05
C ASN B 29 8.32 -27.40 -19.97
N VAL B 30 7.01 -27.14 -19.88
CA VAL B 30 6.49 -26.18 -18.93
C VAL B 30 5.58 -26.80 -17.88
N VAL B 31 5.55 -26.20 -16.70
CA VAL B 31 4.61 -26.58 -15.65
C VAL B 31 3.96 -25.30 -15.14
N VAL B 32 2.64 -25.34 -14.96
CA VAL B 32 1.91 -24.20 -14.38
C VAL B 32 1.45 -24.58 -12.97
N LEU B 33 1.89 -23.80 -11.98
CA LEU B 33 1.48 -24.01 -10.60
C LEU B 33 0.42 -22.98 -10.23
N GLU B 34 -0.80 -23.47 -9.99
CA GLU B 34 -1.96 -22.63 -9.70
C GLU B 34 -2.48 -22.88 -8.28
N ALA B 35 -2.64 -21.79 -7.51
CA ALA B 35 -3.06 -21.89 -6.12
C ALA B 35 -4.47 -22.44 -5.92
N ARG B 36 -5.39 -22.04 -6.80
CA ARG B 36 -6.81 -22.40 -6.65
C ARG B 36 -7.13 -23.78 -7.24
N ASP B 37 -8.36 -24.24 -7.02
CA ASP B 37 -8.86 -25.47 -7.64
C ASP B 37 -9.39 -25.25 -9.06
N ARG B 38 -9.08 -24.09 -9.64
CA ARG B 38 -9.52 -23.72 -10.99
C ARG B 38 -8.49 -22.80 -11.63
N VAL B 39 -8.51 -22.73 -12.96
CA VAL B 39 -7.72 -21.74 -13.70
C VAL B 39 -8.59 -20.50 -13.97
N GLY B 40 -7.96 -19.43 -14.47
CA GLY B 40 -8.70 -18.23 -14.87
C GLY B 40 -8.46 -16.99 -14.02
N GLY B 41 -8.21 -17.20 -12.73
CA GLY B 41 -7.85 -16.11 -11.82
C GLY B 41 -8.93 -15.05 -11.69
N ARG B 42 -8.65 -13.86 -12.20
CA ARG B 42 -9.60 -12.74 -12.16
C ARG B 42 -10.69 -12.83 -13.24
N THR B 43 -10.62 -13.87 -14.07
CA THR B 43 -11.76 -14.29 -14.88
C THR B 43 -12.35 -15.55 -14.26
N TYR B 44 -13.68 -15.64 -14.28
CA TYR B 44 -14.41 -16.77 -13.74
C TYR B 44 -15.78 -16.81 -14.37
N THR B 45 -16.06 -17.87 -15.12
CA THR B 45 -17.35 -18.06 -15.76
C THR B 45 -18.11 -19.14 -15.00
N LEU B 46 -19.23 -18.74 -14.39
CA LEU B 46 -20.10 -19.67 -13.67
C LEU B 46 -21.14 -20.24 -14.62
N ARG B 47 -21.37 -21.55 -14.54
CA ARG B 47 -22.41 -22.20 -15.33
C ARG B 47 -23.47 -22.85 -14.44
N ASN B 48 -24.73 -22.56 -14.74
CA ASN B 48 -25.86 -23.25 -14.14
C ASN B 48 -27.08 -23.09 -15.02
N GLN B 49 -28.17 -23.78 -14.69
CA GLN B 49 -29.35 -23.78 -15.54
C GLN B 49 -30.06 -22.43 -15.65
N LYS B 50 -30.00 -21.65 -14.58
CA LYS B 50 -30.69 -20.37 -14.52
C LYS B 50 -30.05 -19.30 -15.39
N VAL B 51 -28.72 -19.36 -15.55
CA VAL B 51 -27.98 -18.33 -16.29
C VAL B 51 -27.38 -18.83 -17.60
N LYS B 52 -27.34 -20.15 -17.75
CA LYS B 52 -26.51 -20.86 -18.75
C LYS B 52 -25.02 -20.66 -18.47
N TYR B 53 -24.52 -19.45 -18.74
CA TYR B 53 -23.19 -19.04 -18.32
C TYR B 53 -23.21 -17.56 -17.93
N VAL B 54 -22.32 -17.18 -17.01
CA VAL B 54 -22.15 -15.76 -16.67
C VAL B 54 -20.72 -15.48 -16.23
N ASP B 55 -20.15 -14.40 -16.78
CA ASP B 55 -18.84 -13.92 -16.34
C ASP B 55 -18.97 -13.15 -15.04
N LEU B 56 -18.38 -13.67 -13.96
CA LEU B 56 -18.39 -12.99 -12.66
C LEU B 56 -17.12 -12.17 -12.44
N GLY B 57 -16.13 -12.40 -13.31
CA GLY B 57 -14.90 -11.60 -13.35
C GLY B 57 -14.78 -10.86 -14.67
N GLY B 58 -13.57 -10.77 -15.21
CA GLY B 58 -13.32 -10.09 -16.48
C GLY B 58 -14.20 -10.63 -17.60
N SER B 59 -14.73 -9.73 -18.43
CA SER B 59 -15.69 -10.11 -19.48
C SER B 59 -15.56 -9.37 -20.82
N TYR B 60 -15.36 -8.06 -20.77
CA TYR B 60 -15.45 -7.23 -21.98
C TYR B 60 -14.16 -7.15 -22.79
N VAL B 61 -14.31 -7.22 -24.11
CA VAL B 61 -13.22 -6.99 -25.05
C VAL B 61 -13.71 -6.04 -26.14
N GLY B 62 -12.78 -5.40 -26.84
CA GLY B 62 -13.17 -4.43 -27.86
C GLY B 62 -12.05 -4.10 -28.83
N PRO B 63 -12.35 -3.20 -29.80
CA PRO B 63 -11.37 -2.78 -30.81
C PRO B 63 -10.05 -2.30 -30.18
N THR B 64 -8.97 -2.65 -30.86
CA THR B 64 -7.56 -2.40 -30.45
C THR B 64 -7.00 -3.41 -29.44
N GLN B 65 -7.85 -4.31 -28.93
CA GLN B 65 -7.39 -5.36 -28.03
C GLN B 65 -7.12 -6.61 -28.86
N ASN B 66 -6.12 -6.52 -29.73
CA ASN B 66 -5.92 -7.53 -30.78
C ASN B 66 -5.32 -8.86 -30.30
N ARG B 67 -4.55 -8.82 -29.22
CA ARG B 67 -3.91 -10.02 -28.66
C ARG B 67 -4.90 -11.00 -28.05
N ILE B 68 -5.79 -10.51 -27.19
CA ILE B 68 -6.81 -11.36 -26.57
C ILE B 68 -7.78 -11.89 -27.63
N LEU B 69 -8.11 -11.05 -28.60
CA LEU B 69 -8.99 -11.47 -29.70
C LEU B 69 -8.37 -12.59 -30.54
N ARG B 70 -7.07 -12.47 -30.82
CA ARG B 70 -6.34 -13.46 -31.61
C ARG B 70 -6.20 -14.79 -30.87
N LEU B 71 -5.81 -14.73 -29.59
CA LEU B 71 -5.68 -15.92 -28.76
C LEU B 71 -7.01 -16.65 -28.62
N ALA B 72 -8.09 -15.90 -28.36
CA ALA B 72 -9.40 -16.50 -28.22
C ALA B 72 -9.88 -17.16 -29.52
N LYS B 73 -9.64 -16.48 -30.64
CA LYS B 73 -10.03 -17.01 -31.95
C LYS B 73 -9.32 -18.34 -32.23
N GLU B 74 -8.02 -18.39 -31.96
CA GLU B 74 -7.25 -19.63 -32.13
C GLU B 74 -7.80 -20.79 -31.30
N LEU B 75 -8.29 -20.47 -30.10
CA LEU B 75 -8.87 -21.46 -29.21
C LEU B 75 -10.31 -21.84 -29.57
N GLY B 76 -10.85 -21.21 -30.61
CA GLY B 76 -12.17 -21.57 -31.15
C GLY B 76 -13.32 -20.77 -30.60
N LEU B 77 -13.01 -19.62 -29.99
CA LEU B 77 -14.03 -18.76 -29.40
C LEU B 77 -14.53 -17.68 -30.35
N GLU B 78 -15.75 -17.18 -30.07
CA GLU B 78 -16.37 -16.12 -30.87
C GLU B 78 -16.85 -15.02 -29.93
N THR B 79 -17.01 -13.82 -30.46
CA THR B 79 -17.58 -12.70 -29.68
C THR B 79 -18.99 -12.34 -30.16
N TYR B 80 -19.69 -11.59 -29.32
CA TYR B 80 -20.94 -10.94 -29.71
C TYR B 80 -20.95 -9.53 -29.12
N LYS B 81 -21.79 -8.67 -29.70
CA LYS B 81 -21.83 -7.27 -29.30
C LYS B 81 -22.74 -7.01 -28.09
N VAL B 82 -22.21 -6.28 -27.12
CA VAL B 82 -23.00 -5.79 -25.99
C VAL B 82 -24.09 -4.87 -26.55
N ASN B 83 -25.31 -4.98 -26.03
CA ASN B 83 -26.42 -4.21 -26.57
C ASN B 83 -26.27 -2.71 -26.35
N GLU B 84 -26.18 -1.96 -27.45
CA GLU B 84 -26.21 -0.49 -27.40
C GLU B 84 -27.04 0.11 -28.55
N VAL B 85 -28.10 -0.60 -28.92
CA VAL B 85 -29.00 -0.17 -30.00
C VAL B 85 -29.83 1.04 -29.58
N GLU B 86 -30.42 0.96 -28.39
CA GLU B 86 -31.30 2.01 -27.88
C GLU B 86 -30.54 3.05 -27.04
N ARG B 87 -31.25 3.90 -26.31
CA ARG B 87 -30.63 5.02 -25.61
C ARG B 87 -29.95 4.65 -24.29
N LEU B 88 -28.85 5.34 -24.01
CA LEU B 88 -28.16 5.26 -22.72
C LEU B 88 -28.87 6.19 -21.74
N ILE B 89 -28.65 5.98 -20.44
CA ILE B 89 -29.23 6.85 -19.41
C ILE B 89 -28.16 7.44 -18.49
N HIS B 90 -28.24 8.77 -18.27
CA HIS B 90 -27.46 9.41 -17.21
C HIS B 90 -28.44 9.84 -16.13
N HIS B 91 -28.28 9.29 -14.93
CA HIS B 91 -29.16 9.58 -13.80
C HIS B 91 -28.42 10.49 -12.81
N VAL B 92 -28.92 11.70 -12.66
CA VAL B 92 -28.25 12.70 -11.82
C VAL B 92 -29.29 13.51 -11.05
N LYS B 93 -28.99 13.77 -9.78
CA LYS B 93 -29.90 14.45 -8.85
C LYS B 93 -31.32 13.88 -8.91
N GLY B 94 -31.40 12.55 -8.92
CA GLY B 94 -32.67 11.83 -8.83
C GLY B 94 -33.53 11.79 -10.08
N LYS B 95 -32.95 12.16 -11.23
CA LYS B 95 -33.69 12.16 -12.50
C LYS B 95 -32.90 11.50 -13.64
N SER B 96 -33.61 10.80 -14.53
CA SER B 96 -32.98 10.12 -15.67
C SER B 96 -33.02 10.94 -16.95
N TYR B 97 -31.87 11.01 -17.62
CA TYR B 97 -31.73 11.76 -18.87
C TYR B 97 -31.19 10.85 -19.98
N PRO B 98 -32.08 10.38 -20.88
CA PRO B 98 -31.64 9.50 -21.96
C PRO B 98 -30.80 10.22 -23.00
N PHE B 99 -29.86 9.51 -23.61
CA PHE B 99 -28.98 10.09 -24.62
C PHE B 99 -28.39 9.07 -25.57
N ARG B 100 -27.77 9.56 -26.65
CA ARG B 100 -27.04 8.75 -27.62
C ARG B 100 -25.62 9.29 -27.76
N GLY B 101 -24.70 8.44 -28.21
CA GLY B 101 -23.28 8.81 -28.24
C GLY B 101 -22.65 8.42 -26.92
N PRO B 102 -21.29 8.41 -26.87
CA PRO B 102 -20.56 7.90 -25.69
C PRO B 102 -20.61 8.77 -24.42
N PHE B 103 -20.74 10.10 -24.59
CA PHE B 103 -20.74 11.02 -23.45
C PHE B 103 -22.12 11.60 -23.18
N PRO B 104 -22.54 11.67 -21.89
CA PRO B 104 -23.82 12.31 -21.61
C PRO B 104 -23.77 13.80 -21.98
N PRO B 105 -24.81 14.30 -22.65
CA PRO B 105 -24.84 15.71 -23.05
C PRO B 105 -25.01 16.66 -21.87
N VAL B 106 -24.47 17.87 -22.03
CA VAL B 106 -24.51 18.92 -21.03
C VAL B 106 -25.09 20.14 -21.74
N TRP B 107 -26.07 20.80 -21.12
CA TRP B 107 -26.75 21.92 -21.78
C TRP B 107 -26.36 23.32 -21.28
N ASN B 108 -26.14 23.47 -19.98
CA ASN B 108 -25.63 24.72 -19.41
C ASN B 108 -24.27 25.05 -20.04
N PRO B 109 -24.09 26.30 -20.53
CA PRO B 109 -22.92 26.70 -21.32
C PRO B 109 -21.59 26.61 -20.58
N ILE B 110 -21.58 27.07 -19.34
CA ILE B 110 -20.39 27.05 -18.50
C ILE B 110 -20.03 25.61 -18.15
N THR B 111 -21.05 24.83 -17.81
CA THR B 111 -20.89 23.42 -17.51
C THR B 111 -20.37 22.67 -18.73
N TYR B 112 -20.89 22.99 -19.93
CA TYR B 112 -20.37 22.39 -21.17
C TYR B 112 -18.87 22.62 -21.34
N LEU B 113 -18.42 23.86 -21.15
CA LEU B 113 -16.99 24.17 -21.28
C LEU B 113 -16.16 23.38 -20.27
N ASP B 114 -16.67 23.24 -19.05
CA ASP B 114 -15.97 22.55 -17.97
C ASP B 114 -15.83 21.05 -18.27
N HIS B 115 -16.94 20.41 -18.66
CA HIS B 115 -16.93 19.00 -19.08
C HIS B 115 -15.99 18.76 -20.27
N ASN B 116 -16.15 19.57 -21.33
CA ASN B 116 -15.30 19.44 -22.50
C ASN B 116 -13.82 19.54 -22.14
N ASN B 117 -13.49 20.53 -21.31
CA ASN B 117 -12.11 20.74 -20.89
C ASN B 117 -11.56 19.58 -20.06
N PHE B 118 -12.41 18.99 -19.22
CA PHE B 118 -11.95 17.89 -18.38
C PHE B 118 -11.44 16.72 -19.20
N TRP B 119 -12.27 16.21 -20.11
CA TRP B 119 -11.89 15.06 -20.93
C TRP B 119 -10.69 15.38 -21.81
N ARG B 120 -10.72 16.55 -22.43
CA ARG B 120 -9.64 17.02 -23.29
C ARG B 120 -8.31 17.08 -22.53
N THR B 121 -8.35 17.62 -21.32
CA THR B 121 -7.13 17.78 -20.50
C THR B 121 -6.55 16.43 -20.08
N MET B 122 -7.42 15.48 -19.73
CA MET B 122 -6.98 14.12 -19.41
C MET B 122 -6.14 13.55 -20.56
N ASP B 123 -6.61 13.72 -21.78
CA ASP B 123 -5.89 13.23 -22.95
C ASP B 123 -4.64 14.06 -23.27
N ASP B 124 -4.75 15.39 -23.10
CA ASP B 124 -3.60 16.28 -23.28
C ASP B 124 -2.42 15.87 -22.40
N MET B 125 -2.70 15.67 -21.12
CA MET B 125 -1.68 15.26 -20.15
C MET B 125 -1.11 13.88 -20.50
N GLY B 126 -1.99 12.97 -20.93
CA GLY B 126 -1.59 11.63 -21.31
C GLY B 126 -0.57 11.57 -22.43
N ARG B 127 -0.63 12.53 -23.36
CA ARG B 127 0.29 12.55 -24.50
C ARG B 127 1.75 12.75 -24.08
N GLU B 128 1.96 13.28 -22.88
CA GLU B 128 3.30 13.49 -22.35
C GLU B 128 3.82 12.31 -21.52
N ILE B 129 3.02 11.25 -21.42
CA ILE B 129 3.37 10.08 -20.61
C ILE B 129 3.71 8.87 -21.49
N PRO B 130 4.99 8.46 -21.53
CA PRO B 130 5.35 7.27 -22.30
C PRO B 130 4.67 6.00 -21.75
N SER B 131 4.06 5.22 -22.62
CA SER B 131 3.35 4.00 -22.19
C SER B 131 4.25 3.00 -21.48
N ASP B 132 5.49 2.87 -21.95
CA ASP B 132 6.43 1.90 -21.40
C ASP B 132 7.31 2.43 -20.28
N ALA B 133 7.10 3.70 -19.91
CA ALA B 133 7.92 4.35 -18.88
C ALA B 133 7.25 5.63 -18.38
N PRO B 134 6.12 5.50 -17.67
CA PRO B 134 5.40 6.69 -17.17
C PRO B 134 6.23 7.61 -16.28
N TRP B 135 7.21 7.04 -15.56
CA TRP B 135 8.11 7.82 -14.69
C TRP B 135 9.03 8.75 -15.48
N LYS B 136 9.02 8.62 -16.80
CA LYS B 136 9.82 9.50 -17.68
C LYS B 136 9.02 10.71 -18.20
N ALA B 137 7.76 10.82 -17.79
CA ALA B 137 6.99 12.02 -18.15
C ALA B 137 7.73 13.26 -17.64
N PRO B 138 7.74 14.35 -18.43
CA PRO B 138 8.43 15.58 -18.02
C PRO B 138 8.04 16.06 -16.61
N LEU B 139 6.77 15.91 -16.25
CA LEU B 139 6.28 16.35 -14.94
C LEU B 139 5.93 15.15 -14.05
N ALA B 140 6.65 14.05 -14.22
CA ALA B 140 6.36 12.81 -13.50
C ALA B 140 6.24 12.99 -11.99
N GLU B 141 7.21 13.66 -11.37
CA GLU B 141 7.20 13.81 -9.92
C GLU B 141 6.04 14.69 -9.45
N GLU B 142 5.86 15.84 -10.10
CA GLU B 142 4.75 16.74 -9.79
C GLU B 142 3.40 16.01 -9.84
N TRP B 143 3.17 15.24 -10.90
CA TRP B 143 1.91 14.54 -11.08
C TRP B 143 1.78 13.31 -10.17
N ASP B 144 2.89 12.64 -9.88
CA ASP B 144 2.87 11.48 -8.97
C ASP B 144 2.65 11.87 -7.50
N ASN B 145 3.00 13.10 -7.14
CA ASN B 145 2.90 13.57 -5.75
C ASN B 145 1.53 14.16 -5.40
N MET B 146 0.60 14.01 -6.34
CA MET B 146 -0.74 14.54 -6.28
C MET B 146 -1.70 13.35 -6.40
N THR B 147 -2.81 13.36 -5.68
CA THR B 147 -3.87 12.37 -5.90
C THR B 147 -4.80 12.83 -7.03
N MET B 148 -5.62 11.92 -7.55
CA MET B 148 -6.62 12.33 -8.55
C MET B 148 -7.65 13.29 -7.95
N LYS B 149 -7.91 13.19 -6.65
CA LYS B 149 -8.81 14.15 -5.99
C LYS B 149 -8.27 15.56 -6.09
N GLU B 150 -6.97 15.73 -5.80
CA GLU B 150 -6.32 17.03 -5.92
C GLU B 150 -6.39 17.59 -7.34
N LEU B 151 -6.15 16.71 -8.33
CA LEU B 151 -6.19 17.14 -9.73
C LEU B 151 -7.59 17.58 -10.14
N LEU B 152 -8.61 16.80 -9.75
CA LEU B 152 -10.00 17.15 -10.08
C LEU B 152 -10.45 18.44 -9.40
N ASP B 153 -9.99 18.65 -8.18
CA ASP B 153 -10.28 19.89 -7.44
C ASP B 153 -9.73 21.12 -8.16
N LYS B 154 -8.57 20.97 -8.80
CA LYS B 154 -7.94 22.05 -9.57
C LYS B 154 -8.62 22.26 -10.93
N LEU B 155 -8.95 21.15 -11.59
CA LEU B 155 -9.37 21.18 -12.98
C LEU B 155 -10.85 21.49 -13.18
N CYS B 156 -11.70 21.00 -12.28
CA CYS B 156 -13.13 21.11 -12.45
C CYS B 156 -13.70 22.33 -11.74
N TRP B 157 -14.18 23.29 -12.53
CA TRP B 157 -14.78 24.52 -11.99
C TRP B 157 -16.27 24.37 -11.66
N THR B 158 -16.87 23.27 -12.09
CA THR B 158 -18.27 22.95 -11.77
C THR B 158 -18.39 21.63 -11.00
N GLU B 159 -19.39 21.55 -10.13
CA GLU B 159 -19.68 20.31 -9.41
C GLU B 159 -20.17 19.21 -10.35
N SER B 160 -20.88 19.60 -11.40
CA SER B 160 -21.36 18.66 -12.42
C SER B 160 -20.19 17.87 -13.02
N ALA B 161 -19.16 18.57 -13.48
CA ALA B 161 -17.98 17.92 -14.06
C ALA B 161 -17.23 17.08 -13.04
N LYS B 162 -17.04 17.62 -11.83
CA LYS B 162 -16.29 16.92 -10.78
C LYS B 162 -16.97 15.61 -10.39
N GLN B 163 -18.30 15.64 -10.34
CA GLN B 163 -19.09 14.45 -10.01
C GLN B 163 -18.94 13.35 -11.07
N LEU B 164 -19.03 13.73 -12.34
CA LEU B 164 -18.86 12.75 -13.42
C LEU B 164 -17.41 12.25 -13.51
N ALA B 165 -16.46 13.16 -13.34
CA ALA B 165 -15.03 12.79 -13.32
C ALA B 165 -14.71 11.79 -12.21
N THR B 166 -15.33 12.01 -11.05
CA THR B 166 -15.15 11.11 -9.91
C THR B 166 -15.69 9.71 -10.21
N LEU B 167 -16.90 9.66 -10.78
CA LEU B 167 -17.50 8.40 -11.21
C LEU B 167 -16.57 7.68 -12.18
N PHE B 168 -16.05 8.43 -13.16
CA PHE B 168 -15.11 7.92 -14.17
C PHE B 168 -13.90 7.25 -13.53
N VAL B 169 -13.27 7.91 -12.57
CA VAL B 169 -12.13 7.33 -11.86
C VAL B 169 -12.54 6.05 -11.11
N ASN B 170 -13.64 6.13 -10.35
CA ASN B 170 -14.12 4.98 -9.57
C ASN B 170 -14.37 3.76 -10.46
N LEU B 171 -14.96 4.01 -11.63
CA LEU B 171 -15.33 2.96 -12.57
C LEU B 171 -14.14 2.35 -13.30
N CYS B 172 -13.17 3.19 -13.66
CA CYS B 172 -11.97 2.74 -14.35
C CYS B 172 -11.08 1.86 -13.50
N VAL B 173 -10.89 2.25 -12.24
CA VAL B 173 -9.83 1.63 -11.40
C VAL B 173 -10.29 1.16 -10.02
N THR B 174 -11.61 1.11 -9.82
CA THR B 174 -12.25 0.61 -8.58
C THR B 174 -11.59 1.14 -7.31
N ALA B 175 -11.29 2.43 -7.33
CA ALA B 175 -10.63 3.10 -6.21
C ALA B 175 -11.12 4.53 -6.13
N GLU B 176 -10.99 5.13 -4.95
CA GLU B 176 -11.39 6.52 -4.74
C GLU B 176 -10.37 7.47 -5.35
N THR B 177 -10.81 8.67 -5.71
CA THR B 177 -9.93 9.65 -6.33
C THR B 177 -8.76 10.02 -5.41
N HIS B 178 -9.02 10.04 -4.10
CA HIS B 178 -7.99 10.36 -3.10
C HIS B 178 -7.03 9.20 -2.80
N GLU B 179 -7.35 8.01 -3.30
CA GLU B 179 -6.49 6.84 -3.07
C GLU B 179 -5.34 6.71 -4.06
N VAL B 180 -5.53 7.26 -5.26
CA VAL B 180 -4.65 7.00 -6.40
C VAL B 180 -3.80 8.20 -6.86
N SER B 181 -2.59 7.90 -7.32
CA SER B 181 -1.72 8.90 -7.95
C SER B 181 -2.32 9.44 -9.25
N ALA B 182 -2.20 10.75 -9.45
CA ALA B 182 -2.62 11.38 -10.70
C ALA B 182 -1.79 10.89 -11.88
N LEU B 183 -0.47 10.79 -11.71
CA LEU B 183 0.41 10.27 -12.77
C LEU B 183 -0.01 8.88 -13.18
N TRP B 184 -0.20 8.00 -12.19
CA TRP B 184 -0.56 6.63 -12.52
C TRP B 184 -1.91 6.56 -13.24
N PHE B 185 -2.90 7.30 -12.76
CA PHE B 185 -4.23 7.25 -13.41
C PHE B 185 -4.20 7.80 -14.84
N LEU B 186 -3.46 8.89 -15.05
CA LEU B 186 -3.33 9.46 -16.38
C LEU B 186 -2.62 8.50 -17.34
N TRP B 187 -1.59 7.81 -16.83
CA TRP B 187 -0.94 6.74 -17.59
C TRP B 187 -1.96 5.65 -17.94
N TYR B 188 -2.74 5.22 -16.95
CA TYR B 188 -3.67 4.11 -17.12
C TYR B 188 -4.63 4.38 -18.29
N VAL B 189 -5.19 5.58 -18.32
CA VAL B 189 -6.12 5.95 -19.39
C VAL B 189 -5.42 6.04 -20.77
N LYS B 190 -4.27 6.69 -20.79
CA LYS B 190 -3.50 6.86 -22.03
C LYS B 190 -3.10 5.51 -22.67
N GLN B 191 -2.69 4.56 -21.83
CA GLN B 191 -2.23 3.25 -22.34
C GLN B 191 -3.37 2.33 -22.79
N CYS B 192 -4.61 2.77 -22.58
CA CYS B 192 -5.78 2.11 -23.17
C CYS B 192 -6.24 2.80 -24.46
N GLY B 193 -5.56 3.88 -24.82
CA GLY B 193 -5.91 4.63 -26.04
C GLY B 193 -6.68 5.93 -25.82
N GLY B 194 -6.83 6.32 -24.56
CA GLY B 194 -7.45 7.61 -24.22
C GLY B 194 -8.89 7.52 -23.75
N THR B 195 -9.47 8.67 -23.39
CA THR B 195 -10.77 8.72 -22.73
C THR B 195 -11.92 8.13 -23.55
N THR B 196 -12.03 8.52 -24.82
CA THR B 196 -13.13 8.01 -25.66
C THR B 196 -13.06 6.48 -25.80
N ARG B 197 -11.88 5.97 -26.09
CA ARG B 197 -11.71 4.53 -26.27
C ARG B 197 -12.07 3.75 -25.00
N ILE B 198 -11.62 4.23 -23.84
CA ILE B 198 -11.84 3.49 -22.58
C ILE B 198 -13.30 3.51 -22.12
N ILE B 199 -14.03 4.61 -22.38
CA ILE B 199 -15.41 4.73 -21.90
C ILE B 199 -16.48 4.24 -22.87
N SER B 200 -16.09 3.96 -24.12
CA SER B 200 -17.07 3.59 -25.14
C SER B 200 -17.41 2.11 -25.16
N THR B 201 -18.70 1.83 -25.40
CA THR B 201 -19.17 0.48 -25.73
C THR B 201 -18.94 0.28 -27.23
N THR B 202 -19.82 0.84 -28.08
CA THR B 202 -19.55 0.85 -29.51
C THR B 202 -18.21 1.54 -29.78
N ASN B 203 -17.31 0.83 -30.46
CA ASN B 203 -15.95 1.31 -30.78
C ASN B 203 -15.02 1.52 -29.58
N GLY B 204 -15.30 0.84 -28.47
CA GLY B 204 -14.45 0.95 -27.28
C GLY B 204 -14.28 -0.34 -26.48
N GLY B 205 -13.75 -0.21 -25.27
CA GLY B 205 -13.41 -1.35 -24.42
C GLY B 205 -14.55 -2.28 -24.03
N GLN B 206 -15.79 -1.77 -24.07
CA GLN B 206 -16.95 -2.58 -23.67
C GLN B 206 -17.78 -3.07 -24.86
N GLU B 207 -17.20 -3.10 -26.06
CA GLU B 207 -17.99 -3.42 -27.25
C GLU B 207 -18.56 -4.85 -27.26
N ARG B 208 -17.76 -5.79 -26.77
CA ARG B 208 -18.06 -7.20 -26.94
C ARG B 208 -17.82 -8.07 -25.70
N LYS B 209 -18.45 -9.26 -25.71
CA LYS B 209 -18.17 -10.32 -24.75
C LYS B 209 -17.92 -11.61 -25.53
N PHE B 210 -17.31 -12.61 -24.89
CA PHE B 210 -17.14 -13.92 -25.52
C PHE B 210 -18.38 -14.79 -25.34
N VAL B 211 -18.80 -15.42 -26.44
CA VAL B 211 -19.87 -16.42 -26.39
C VAL B 211 -19.40 -17.57 -25.50
N GLY B 212 -20.15 -17.85 -24.44
CA GLY B 212 -19.81 -18.93 -23.51
C GLY B 212 -18.94 -18.53 -22.31
N GLY B 213 -18.44 -17.29 -22.30
CA GLY B 213 -17.68 -16.77 -21.16
C GLY B 213 -16.18 -16.69 -21.39
N SER B 214 -15.54 -15.72 -20.72
CA SER B 214 -14.09 -15.50 -20.86
C SER B 214 -13.24 -16.57 -20.19
N GLY B 215 -13.83 -17.27 -19.22
CA GLY B 215 -13.14 -18.36 -18.51
C GLY B 215 -12.63 -19.44 -19.46
N GLN B 216 -13.29 -19.55 -20.62
CA GLN B 216 -12.93 -20.53 -21.64
C GLN B 216 -11.51 -20.33 -22.18
N VAL B 217 -11.01 -19.10 -22.14
CA VAL B 217 -9.64 -18.84 -22.58
C VAL B 217 -8.64 -19.65 -21.75
N SER B 218 -8.69 -19.52 -20.43
CA SER B 218 -7.77 -20.24 -19.55
C SER B 218 -8.08 -21.73 -19.53
N GLU B 219 -9.36 -22.08 -19.61
CA GLU B 219 -9.78 -23.48 -19.59
C GLU B 219 -9.27 -24.24 -20.80
N ARG B 220 -9.41 -23.64 -21.98
CA ARG B 220 -8.99 -24.30 -23.23
C ARG B 220 -7.47 -24.42 -23.37
N ILE B 221 -6.74 -23.48 -22.78
CA ILE B 221 -5.28 -23.61 -22.72
C ILE B 221 -4.88 -24.72 -21.74
N MET B 222 -5.61 -24.84 -20.63
CA MET B 222 -5.40 -25.96 -19.72
C MET B 222 -5.62 -27.29 -20.43
N ASP B 223 -6.66 -27.36 -21.27
CA ASP B 223 -6.95 -28.56 -22.06
C ASP B 223 -5.76 -28.93 -22.95
N LEU B 224 -5.18 -27.94 -23.62
CA LEU B 224 -4.01 -28.14 -24.47
C LEU B 224 -2.81 -28.65 -23.68
N LEU B 225 -2.59 -28.11 -22.49
CA LEU B 225 -1.39 -28.42 -21.72
C LEU B 225 -1.47 -29.73 -20.92
N GLY B 226 -2.69 -30.23 -20.74
CA GLY B 226 -2.93 -31.50 -20.05
C GLY B 226 -2.46 -31.50 -18.61
N ASP B 227 -1.66 -32.50 -18.25
CA ASP B 227 -1.23 -32.69 -16.87
C ASP B 227 -0.13 -31.71 -16.43
N ARG B 228 0.25 -30.79 -17.31
CA ARG B 228 1.28 -29.79 -17.02
C ARG B 228 0.77 -28.69 -16.07
N VAL B 229 -0.55 -28.53 -16.01
CA VAL B 229 -1.18 -27.60 -15.08
C VAL B 229 -1.49 -28.31 -13.76
N LYS B 230 -0.94 -27.78 -12.67
CA LYS B 230 -1.10 -28.36 -11.34
C LYS B 230 -2.00 -27.46 -10.49
N LEU B 231 -3.21 -27.92 -10.23
CA LEU B 231 -4.18 -27.16 -9.45
C LEU B 231 -3.98 -27.39 -7.94
N GLU B 232 -4.38 -26.39 -7.14
CA GLU B 232 -4.21 -26.44 -5.68
C GLU B 232 -2.75 -26.61 -5.27
N ARG B 233 -1.88 -25.87 -5.97
CA ARG B 233 -0.45 -25.81 -5.69
C ARG B 233 -0.03 -24.36 -5.44
N PRO B 234 -0.39 -23.79 -4.27
CA PRO B 234 0.09 -22.44 -3.99
C PRO B 234 1.60 -22.46 -3.76
N VAL B 235 2.32 -21.59 -4.47
CA VAL B 235 3.77 -21.44 -4.30
C VAL B 235 4.09 -20.67 -3.01
N ILE B 236 5.02 -21.22 -2.23
CA ILE B 236 5.37 -20.65 -0.92
C ILE B 236 6.85 -20.25 -0.81
N TYR B 237 7.68 -20.75 -1.72
CA TYR B 237 9.13 -20.63 -1.59
C TYR B 237 9.83 -20.76 -2.93
N ILE B 238 10.72 -19.82 -3.22
CA ILE B 238 11.56 -19.85 -4.42
C ILE B 238 13.02 -19.68 -4.03
N ASP B 239 13.84 -20.66 -4.43
CA ASP B 239 15.26 -20.68 -4.07
C ASP B 239 16.10 -20.60 -5.34
N GLN B 240 16.89 -19.54 -5.46
CA GLN B 240 17.75 -19.35 -6.62
C GLN B 240 19.24 -19.42 -6.29
N THR B 241 19.58 -20.05 -5.17
CA THR B 241 20.98 -20.11 -4.73
C THR B 241 21.79 -21.20 -5.44
N ARG B 242 21.11 -22.08 -6.17
CA ARG B 242 21.75 -23.22 -6.83
C ARG B 242 21.61 -23.16 -8.35
N GLU B 243 22.22 -24.12 -9.04
CA GLU B 243 22.24 -24.16 -10.51
C GLU B 243 20.85 -24.08 -11.13
N ASN B 244 19.93 -24.90 -10.63
CA ASN B 244 18.53 -24.87 -11.05
C ASN B 244 17.68 -24.20 -9.99
N VAL B 245 16.65 -23.47 -10.43
CA VAL B 245 15.72 -22.81 -9.51
C VAL B 245 14.81 -23.84 -8.87
N LEU B 246 14.60 -23.72 -7.56
CA LEU B 246 13.72 -24.61 -6.82
C LEU B 246 12.46 -23.87 -6.40
N VAL B 247 11.30 -24.44 -6.75
CA VAL B 247 10.00 -23.86 -6.40
C VAL B 247 9.20 -24.84 -5.54
N GLU B 248 8.87 -24.41 -4.32
CA GLU B 248 8.12 -25.25 -3.40
C GLU B 248 6.67 -24.79 -3.25
N THR B 249 5.76 -25.77 -3.15
CA THR B 249 4.34 -25.48 -2.98
C THR B 249 3.86 -25.83 -1.57
N LEU B 250 2.68 -25.31 -1.20
CA LEU B 250 2.10 -25.50 0.13
C LEU B 250 1.79 -26.97 0.43
N ASN B 251 1.41 -27.72 -0.60
CA ASN B 251 1.15 -29.16 -0.46
C ASN B 251 2.43 -30.01 -0.55
N HIS B 252 3.56 -29.36 -0.28
CA HIS B 252 4.88 -30.00 -0.05
C HIS B 252 5.69 -30.45 -1.28
N GLU B 253 5.16 -30.20 -2.47
CA GLU B 253 5.84 -30.60 -3.70
C GLU B 253 7.01 -29.67 -4.05
N MET B 254 8.03 -30.24 -4.69
CA MET B 254 9.19 -29.48 -5.16
C MET B 254 9.28 -29.52 -6.67
N TYR B 255 9.52 -28.37 -7.28
CA TYR B 255 9.68 -28.26 -8.72
C TYR B 255 11.01 -27.61 -9.05
N GLU B 256 11.67 -28.14 -10.08
CA GLU B 256 13.00 -27.69 -10.46
C GLU B 256 12.96 -27.21 -11.90
N ALA B 257 13.49 -26.02 -12.14
CA ALA B 257 13.42 -25.39 -13.46
C ALA B 257 14.63 -24.51 -13.76
N LYS B 258 14.83 -24.23 -15.05
CA LYS B 258 15.86 -23.29 -15.50
C LYS B 258 15.45 -21.84 -15.23
N TYR B 259 14.17 -21.54 -15.45
CA TYR B 259 13.63 -20.19 -15.26
C TYR B 259 12.22 -20.24 -14.65
N VAL B 260 11.79 -19.11 -14.09
CA VAL B 260 10.45 -18.99 -13.51
C VAL B 260 9.77 -17.75 -14.08
N ILE B 261 8.47 -17.87 -14.39
CA ILE B 261 7.64 -16.70 -14.68
C ILE B 261 6.66 -16.50 -13.52
N SER B 262 6.73 -15.31 -12.91
CA SER B 262 5.75 -14.91 -11.90
C SER B 262 4.58 -14.22 -12.60
N ALA B 263 3.44 -14.90 -12.67
CA ALA B 263 2.27 -14.38 -13.38
C ALA B 263 1.11 -14.07 -12.42
N ILE B 264 1.46 -13.55 -11.25
CA ILE B 264 0.49 -13.20 -10.19
C ILE B 264 0.50 -11.68 -9.97
N PRO B 265 -0.59 -11.12 -9.42
CA PRO B 265 -0.58 -9.70 -9.05
C PRO B 265 0.68 -9.34 -8.27
N PRO B 266 1.29 -8.17 -8.56
CA PRO B 266 2.57 -7.81 -7.91
C PRO B 266 2.59 -8.01 -6.40
N THR B 267 1.57 -7.54 -5.69
CA THR B 267 1.56 -7.65 -4.23
C THR B 267 1.48 -9.09 -3.72
N LEU B 268 0.92 -9.99 -4.53
CA LEU B 268 0.81 -11.40 -4.13
C LEU B 268 2.16 -12.11 -4.12
N GLY B 269 3.20 -11.46 -4.63
CA GLY B 269 4.57 -11.94 -4.45
C GLY B 269 4.95 -12.04 -2.98
N MET B 270 4.24 -11.28 -2.13
CA MET B 270 4.47 -11.32 -0.68
C MET B 270 4.21 -12.70 -0.06
N LYS B 271 3.39 -13.51 -0.73
CA LYS B 271 3.00 -14.83 -0.23
C LYS B 271 4.11 -15.88 -0.43
N ILE B 272 5.18 -15.47 -1.11
CA ILE B 272 6.32 -16.32 -1.41
C ILE B 272 7.54 -15.88 -0.60
N HIS B 273 8.19 -16.84 0.05
CA HIS B 273 9.43 -16.57 0.78
C HIS B 273 10.58 -16.77 -0.19
N PHE B 274 11.49 -15.79 -0.25
CA PHE B 274 12.55 -15.80 -1.25
C PHE B 274 13.93 -16.10 -0.67
N ASN B 275 14.68 -16.93 -1.38
CA ASN B 275 16.08 -17.19 -1.08
C ASN B 275 16.91 -17.12 -2.37
N PRO B 276 17.85 -16.16 -2.47
CA PRO B 276 18.15 -15.12 -1.49
C PRO B 276 17.00 -14.11 -1.39
N PRO B 277 17.03 -13.20 -0.39
CA PRO B 277 15.95 -12.21 -0.31
C PRO B 277 15.89 -11.39 -1.59
N LEU B 278 14.72 -10.84 -1.89
CA LEU B 278 14.57 -9.95 -3.04
C LEU B 278 15.44 -8.71 -2.87
N PRO B 279 15.84 -8.08 -3.99
CA PRO B 279 16.52 -6.78 -3.88
C PRO B 279 15.61 -5.78 -3.17
N MET B 280 16.23 -4.80 -2.49
CA MET B 280 15.51 -3.79 -1.71
C MET B 280 14.29 -3.20 -2.40
N MET B 281 14.45 -2.75 -3.64
CA MET B 281 13.39 -2.02 -4.33
C MET B 281 12.16 -2.90 -4.56
N ARG B 282 12.36 -4.13 -5.01
CA ARG B 282 11.22 -5.05 -5.16
C ARG B 282 10.63 -5.47 -3.80
N ASN B 283 11.49 -5.70 -2.81
CA ASN B 283 11.05 -6.04 -1.46
C ASN B 283 10.01 -5.07 -0.93
N GLN B 284 10.28 -3.77 -1.09
CA GLN B 284 9.34 -2.74 -0.64
C GLN B 284 8.20 -2.49 -1.64
N MET B 285 8.49 -2.59 -2.95
CA MET B 285 7.46 -2.33 -3.98
C MET B 285 6.22 -3.19 -3.75
N ILE B 286 6.43 -4.47 -3.46
CA ILE B 286 5.32 -5.42 -3.36
C ILE B 286 4.45 -5.24 -2.10
N THR B 287 4.82 -4.29 -1.24
CA THR B 287 4.00 -3.87 -0.10
C THR B 287 3.27 -2.55 -0.34
N ARG B 288 3.47 -1.96 -1.53
CA ARG B 288 2.99 -0.61 -1.84
C ARG B 288 1.95 -0.53 -2.97
N VAL B 289 1.46 -1.70 -3.39
CA VAL B 289 0.66 -1.79 -4.61
C VAL B 289 -0.62 -2.63 -4.43
N PRO B 290 -1.66 -2.02 -3.83
CA PRO B 290 -2.91 -2.74 -3.57
C PRO B 290 -3.77 -2.89 -4.83
N LEU B 291 -4.74 -3.80 -4.79
CA LEU B 291 -5.75 -3.90 -5.83
C LEU B 291 -7.05 -3.24 -5.38
N GLY B 292 -7.86 -2.82 -6.36
CA GLY B 292 -9.14 -2.16 -6.08
C GLY B 292 -10.22 -3.02 -5.46
N SER B 293 -11.38 -2.43 -5.22
CA SER B 293 -12.49 -3.07 -4.52
C SER B 293 -13.76 -3.00 -5.38
N VAL B 294 -14.39 -4.16 -5.62
CA VAL B 294 -15.59 -4.23 -6.46
C VAL B 294 -16.40 -5.49 -6.17
N ILE B 295 -17.73 -5.32 -6.21
CA ILE B 295 -18.66 -6.44 -6.27
C ILE B 295 -19.34 -6.37 -7.64
N LYS B 296 -19.26 -7.46 -8.42
CA LYS B 296 -19.94 -7.53 -9.71
C LYS B 296 -21.26 -8.27 -9.50
N CYS B 297 -22.36 -7.64 -9.90
CA CYS B 297 -23.71 -8.13 -9.61
C CYS B 297 -24.53 -8.24 -10.89
N ILE B 298 -25.19 -9.38 -11.08
CA ILE B 298 -26.02 -9.57 -12.26
C ILE B 298 -27.44 -9.96 -11.85
N VAL B 299 -28.40 -9.10 -12.20
CA VAL B 299 -29.83 -9.31 -11.91
C VAL B 299 -30.56 -9.79 -13.17
N TYR B 300 -31.27 -10.91 -13.05
CA TYR B 300 -31.95 -11.56 -14.19
C TYR B 300 -33.44 -11.28 -14.18
N TYR B 301 -33.99 -11.13 -15.38
CA TYR B 301 -35.41 -10.81 -15.59
C TYR B 301 -36.01 -11.70 -16.68
N LYS B 302 -37.34 -11.77 -16.73
CA LYS B 302 -38.04 -12.58 -17.73
C LYS B 302 -37.76 -12.11 -19.15
N GLU B 303 -37.71 -10.79 -19.33
CA GLU B 303 -37.49 -10.16 -20.65
C GLU B 303 -36.60 -8.92 -20.51
N PRO B 304 -35.89 -8.53 -21.59
CA PRO B 304 -35.15 -7.27 -21.55
C PRO B 304 -36.09 -6.08 -21.71
N PHE B 305 -36.89 -5.84 -20.67
CA PHE B 305 -38.03 -4.93 -20.73
C PHE B 305 -37.64 -3.47 -21.00
N TRP B 306 -36.41 -3.10 -20.66
CA TRP B 306 -35.90 -1.74 -20.89
C TRP B 306 -35.88 -1.37 -22.37
N ARG B 307 -35.68 -2.36 -23.23
CA ARG B 307 -35.63 -2.13 -24.68
C ARG B 307 -36.96 -1.58 -25.24
N LYS B 308 -38.07 -1.97 -24.60
CA LYS B 308 -39.41 -1.52 -25.00
C LYS B 308 -39.57 -0.01 -24.78
N LYS B 309 -38.82 0.53 -23.84
CA LYS B 309 -38.84 1.97 -23.52
C LYS B 309 -37.75 2.75 -24.27
N ASP B 310 -37.10 2.07 -25.22
CA ASP B 310 -35.98 2.63 -26.00
C ASP B 310 -34.77 2.96 -25.12
N TYR B 311 -34.50 2.10 -24.15
CA TYR B 311 -33.29 2.14 -23.32
C TYR B 311 -32.48 0.89 -23.63
N CYS B 312 -31.17 1.04 -23.79
CA CYS B 312 -30.31 -0.12 -24.10
C CYS B 312 -29.94 -0.96 -22.87
N GLY B 313 -30.01 -0.34 -21.69
CA GLY B 313 -29.64 -1.01 -20.46
C GLY B 313 -28.44 -0.37 -19.78
N THR B 314 -27.76 0.52 -20.50
CA THR B 314 -26.65 1.28 -19.93
C THR B 314 -27.19 2.40 -19.04
N MET B 315 -26.73 2.39 -17.78
CA MET B 315 -27.07 3.44 -16.82
C MET B 315 -25.80 3.98 -16.18
N ILE B 316 -25.66 5.31 -16.20
CA ILE B 316 -24.56 5.98 -15.53
C ILE B 316 -25.21 6.75 -14.39
N ILE B 317 -24.94 6.31 -13.15
CA ILE B 317 -25.73 6.75 -11.98
C ILE B 317 -24.84 7.46 -10.95
N ASP B 318 -25.03 8.77 -10.84
CA ASP B 318 -24.24 9.56 -9.91
C ASP B 318 -24.86 9.57 -8.51
N GLY B 319 -24.05 9.85 -7.50
CA GLY B 319 -24.57 10.04 -6.14
C GLY B 319 -24.21 8.96 -5.15
N GLU B 320 -23.98 9.39 -3.91
CA GLU B 320 -23.59 8.50 -2.82
C GLU B 320 -24.61 7.41 -2.51
N GLU B 321 -25.90 7.74 -2.65
CA GLU B 321 -26.98 6.84 -2.25
C GLU B 321 -27.06 5.60 -3.12
N ALA B 322 -26.74 5.75 -4.40
CA ALA B 322 -26.85 4.64 -5.36
C ALA B 322 -25.77 3.59 -5.09
N PRO B 323 -26.17 2.32 -4.84
CA PRO B 323 -25.16 1.29 -4.63
C PRO B 323 -24.30 1.01 -5.87
N VAL B 324 -24.93 1.11 -7.04
CA VAL B 324 -24.30 0.82 -8.34
C VAL B 324 -24.21 2.11 -9.16
N ALA B 325 -23.01 2.41 -9.65
CA ALA B 325 -22.78 3.63 -10.43
C ALA B 325 -22.84 3.42 -11.94
N TYR B 326 -22.74 2.16 -12.39
CA TYR B 326 -22.69 1.86 -13.82
C TYR B 326 -23.26 0.48 -14.12
N THR B 327 -24.09 0.41 -15.15
CA THR B 327 -24.67 -0.87 -15.61
C THR B 327 -24.53 -1.04 -17.12
N LEU B 328 -24.57 -2.30 -17.56
CA LEU B 328 -24.71 -2.66 -18.97
C LEU B 328 -25.71 -3.80 -19.13
N ASP B 329 -26.35 -3.86 -20.30
CA ASP B 329 -27.22 -4.99 -20.67
C ASP B 329 -26.36 -6.25 -20.73
N ASP B 330 -26.74 -7.30 -19.99
CA ASP B 330 -26.00 -8.58 -19.99
C ASP B 330 -26.82 -9.71 -20.62
N THR B 331 -27.87 -9.36 -21.34
CA THR B 331 -28.72 -10.32 -22.07
C THR B 331 -27.89 -11.10 -23.09
N LYS B 332 -28.20 -12.38 -23.25
CA LYS B 332 -27.50 -13.26 -24.18
C LYS B 332 -27.77 -12.81 -25.63
N PRO B 333 -26.85 -13.15 -26.56
CA PRO B 333 -27.01 -12.71 -27.95
C PRO B 333 -28.32 -13.20 -28.58
N GLU B 334 -28.81 -14.35 -28.11
CA GLU B 334 -30.05 -14.93 -28.61
C GLU B 334 -31.30 -14.18 -28.12
N GLY B 335 -31.11 -13.28 -27.16
CA GLY B 335 -32.20 -12.45 -26.63
C GLY B 335 -32.82 -12.98 -25.34
N ASN B 336 -32.35 -14.14 -24.90
CA ASN B 336 -32.84 -14.76 -23.68
C ASN B 336 -31.87 -14.54 -22.50
N TYR B 337 -32.24 -15.07 -21.34
CA TYR B 337 -31.52 -14.81 -20.08
C TYR B 337 -31.30 -13.30 -19.88
N ALA B 338 -32.36 -12.52 -20.09
CA ALA B 338 -32.34 -11.07 -19.89
C ALA B 338 -31.72 -10.73 -18.54
N ALA B 339 -30.82 -9.75 -18.55
CA ALA B 339 -30.07 -9.40 -17.34
C ALA B 339 -29.45 -8.01 -17.41
N ILE B 340 -29.25 -7.43 -16.24
CA ILE B 340 -28.52 -6.18 -16.08
C ILE B 340 -27.28 -6.45 -15.22
N MET B 341 -26.11 -6.09 -15.75
CA MET B 341 -24.85 -6.18 -15.00
C MET B 341 -24.58 -4.83 -14.36
N GLY B 342 -24.24 -4.83 -13.08
CA GLY B 342 -23.82 -3.60 -12.41
C GLY B 342 -22.62 -3.79 -11.50
N PHE B 343 -21.85 -2.71 -11.32
CA PHE B 343 -20.68 -2.72 -10.43
C PHE B 343 -20.94 -1.92 -9.17
N ILE B 344 -20.65 -2.52 -8.01
CA ILE B 344 -20.59 -1.77 -6.74
C ILE B 344 -19.11 -1.45 -6.50
N LEU B 345 -18.80 -0.15 -6.50
CA LEU B 345 -17.41 0.33 -6.64
C LEU B 345 -16.76 0.88 -5.37
N ALA B 346 -15.47 0.56 -5.21
CA ALA B 346 -14.59 1.21 -4.21
C ALA B 346 -15.19 1.21 -2.79
N HIS B 347 -15.35 2.36 -2.15
CA HIS B 347 -15.88 2.38 -0.77
C HIS B 347 -17.25 1.70 -0.62
N LYS B 348 -18.05 1.72 -1.69
CA LYS B 348 -19.38 1.09 -1.63
C LYS B 348 -19.28 -0.44 -1.55
N ALA B 349 -18.24 -1.01 -2.15
CA ALA B 349 -18.00 -2.45 -2.05
C ALA B 349 -17.71 -2.82 -0.59
N ARG B 350 -16.91 -1.98 0.07
CA ARG B 350 -16.60 -2.16 1.50
C ARG B 350 -17.85 -1.99 2.36
N LYS B 351 -18.61 -0.94 2.09
CA LYS B 351 -19.79 -0.59 2.89
C LYS B 351 -20.89 -1.64 2.79
N LEU B 352 -21.20 -2.07 1.58
CA LEU B 352 -22.36 -2.92 1.32
C LEU B 352 -22.07 -4.42 1.44
N ALA B 353 -20.80 -4.76 1.65
CA ALA B 353 -20.41 -6.15 1.91
C ALA B 353 -21.01 -6.66 3.21
N ARG B 354 -21.31 -5.73 4.12
CA ARG B 354 -21.92 -6.03 5.42
C ARG B 354 -23.31 -6.66 5.31
N LEU B 355 -24.01 -6.35 4.21
CA LEU B 355 -25.38 -6.83 3.99
C LEU B 355 -25.41 -8.29 3.54
N THR B 356 -26.60 -8.86 3.52
CA THR B 356 -26.79 -10.19 2.94
C THR B 356 -26.97 -10.08 1.42
N LYS B 357 -26.83 -11.21 0.73
CA LYS B 357 -27.04 -11.29 -0.70
C LYS B 357 -28.43 -10.79 -1.09
N GLU B 358 -29.43 -11.19 -0.30
CA GLU B 358 -30.82 -10.78 -0.50
C GLU B 358 -31.02 -9.28 -0.33
N GLU B 359 -30.35 -8.70 0.68
CA GLU B 359 -30.41 -7.27 0.93
C GLU B 359 -29.81 -6.46 -0.23
N ARG B 360 -28.69 -6.93 -0.80
CA ARG B 360 -28.10 -6.27 -1.96
C ARG B 360 -29.02 -6.37 -3.19
N LEU B 361 -29.59 -7.54 -3.43
CA LEU B 361 -30.53 -7.72 -4.54
C LEU B 361 -31.69 -6.70 -4.47
N LYS B 362 -32.29 -6.55 -3.30
CA LYS B 362 -33.39 -5.62 -3.10
C LYS B 362 -32.96 -4.17 -3.41
N LYS B 363 -31.81 -3.76 -2.90
CA LYS B 363 -31.29 -2.41 -3.14
C LYS B 363 -31.04 -2.14 -4.62
N LEU B 364 -30.49 -3.13 -5.33
CA LEU B 364 -30.25 -2.99 -6.77
C LEU B 364 -31.54 -2.89 -7.58
N CYS B 365 -32.52 -3.76 -7.29
CA CYS B 365 -33.79 -3.75 -8.00
C CYS B 365 -34.55 -2.43 -7.80
N GLU B 366 -34.55 -1.91 -6.58
CA GLU B 366 -35.20 -0.62 -6.30
C GLU B 366 -34.50 0.54 -7.02
N LEU B 367 -33.18 0.51 -7.06
CA LEU B 367 -32.42 1.49 -7.84
C LEU B 367 -32.76 1.42 -9.33
N TYR B 368 -32.73 0.21 -9.88
CA TYR B 368 -33.02 0.05 -11.30
C TYR B 368 -34.45 0.45 -11.68
N ALA B 369 -35.39 0.21 -10.78
CA ALA B 369 -36.79 0.60 -11.02
C ALA B 369 -36.90 2.12 -11.13
N LYS B 370 -36.18 2.82 -10.26
CA LYS B 370 -36.11 4.29 -10.27
C LYS B 370 -35.50 4.79 -11.57
N VAL B 371 -34.34 4.27 -11.92
CA VAL B 371 -33.56 4.79 -13.03
C VAL B 371 -34.22 4.49 -14.38
N LEU B 372 -34.74 3.27 -14.51
CA LEU B 372 -35.45 2.84 -15.73
C LEU B 372 -36.91 3.27 -15.76
N GLY B 373 -37.42 3.79 -14.64
CA GLY B 373 -38.83 4.19 -14.53
C GLY B 373 -39.73 3.02 -14.84
N SER B 374 -39.43 1.86 -14.27
CA SER B 374 -40.14 0.62 -14.59
C SER B 374 -40.33 -0.28 -13.38
N LEU B 375 -41.59 -0.58 -13.06
CA LEU B 375 -41.91 -1.50 -11.96
C LEU B 375 -41.44 -2.93 -12.25
N GLU B 376 -41.18 -3.21 -13.53
CA GLU B 376 -40.72 -4.54 -13.93
C GLU B 376 -39.35 -4.88 -13.31
N ALA B 377 -38.57 -3.86 -12.98
CA ALA B 377 -37.27 -4.05 -12.35
C ALA B 377 -37.37 -4.66 -10.94
N LEU B 378 -38.57 -4.62 -10.36
CA LEU B 378 -38.81 -5.13 -9.01
C LEU B 378 -39.16 -6.62 -8.98
N GLU B 379 -39.16 -7.25 -10.16
CA GLU B 379 -39.50 -8.67 -10.28
C GLU B 379 -38.36 -9.52 -10.86
N PRO B 380 -37.20 -9.58 -10.16
CA PRO B 380 -36.10 -10.40 -10.67
C PRO B 380 -36.43 -11.88 -10.63
N VAL B 381 -35.88 -12.64 -11.58
CA VAL B 381 -36.08 -14.10 -11.60
C VAL B 381 -34.87 -14.86 -11.04
N HIS B 382 -33.71 -14.19 -11.00
CA HIS B 382 -32.48 -14.78 -10.53
C HIS B 382 -31.44 -13.69 -10.24
N TYR B 383 -30.39 -14.06 -9.50
CA TYR B 383 -29.33 -13.12 -9.11
C TYR B 383 -28.01 -13.88 -8.93
N GLU B 384 -26.92 -13.31 -9.42
CA GLU B 384 -25.56 -13.81 -9.13
C GLU B 384 -24.66 -12.63 -8.81
N GLU B 385 -23.70 -12.83 -7.91
CA GLU B 385 -22.77 -11.78 -7.53
C GLU B 385 -21.43 -12.34 -7.10
N LYS B 386 -20.37 -11.53 -7.20
CA LYS B 386 -19.07 -11.91 -6.66
C LYS B 386 -18.33 -10.69 -6.09
N ASN B 387 -17.96 -10.79 -4.81
CA ASN B 387 -17.18 -9.76 -4.15
C ASN B 387 -15.71 -10.15 -4.22
N TRP B 388 -14.94 -9.46 -5.07
CA TRP B 388 -13.55 -9.83 -5.30
C TRP B 388 -12.61 -9.43 -4.18
N CYS B 389 -13.10 -8.62 -3.24
CA CYS B 389 -12.29 -8.21 -2.09
C CYS B 389 -11.96 -9.36 -1.15
N GLU B 390 -12.73 -10.45 -1.23
CA GLU B 390 -12.57 -11.58 -0.32
C GLU B 390 -11.54 -12.62 -0.79
N GLU B 391 -11.00 -12.42 -1.99
CA GLU B 391 -10.15 -13.44 -2.63
C GLU B 391 -8.69 -13.40 -2.19
N GLN B 392 -8.25 -14.42 -1.47
CA GLN B 392 -6.86 -14.51 -0.99
C GLN B 392 -5.86 -14.48 -2.14
N TYR B 393 -6.21 -15.13 -3.26
CA TYR B 393 -5.28 -15.26 -4.39
C TYR B 393 -5.52 -14.29 -5.56
N SER B 394 -6.34 -13.26 -5.30
CA SER B 394 -6.45 -12.10 -6.20
C SER B 394 -6.06 -10.81 -5.48
N GLY B 395 -6.62 -10.60 -4.29
CA GLY B 395 -6.40 -9.37 -3.51
C GLY B 395 -7.40 -8.26 -3.80
N GLY B 396 -8.19 -8.44 -4.86
CA GLY B 396 -9.14 -7.43 -5.31
C GLY B 396 -9.36 -7.50 -6.83
N CYS B 397 -10.05 -6.50 -7.37
CA CYS B 397 -10.26 -6.38 -8.82
C CYS B 397 -10.59 -4.91 -9.13
N TYR B 398 -10.44 -4.46 -10.38
CA TYR B 398 -9.99 -5.28 -11.52
C TYR B 398 -8.48 -5.50 -11.50
N THR B 399 -7.77 -4.52 -10.93
CA THR B 399 -6.32 -4.48 -11.06
C THR B 399 -5.64 -3.68 -9.94
N THR B 400 -4.31 -3.63 -10.01
CA THR B 400 -3.47 -2.93 -9.06
C THR B 400 -3.48 -1.42 -9.31
N TYR B 401 -3.68 -0.63 -8.26
CA TYR B 401 -3.54 0.83 -8.34
C TYR B 401 -2.29 1.31 -7.58
N PHE B 402 -1.80 2.48 -7.97
CA PHE B 402 -0.61 3.07 -7.34
C PHE B 402 -1.00 4.29 -6.53
N PRO B 403 -0.83 4.25 -5.20
CA PRO B 403 -1.00 5.45 -4.37
C PRO B 403 0.03 6.53 -4.70
N PRO B 404 -0.21 7.78 -4.24
CA PRO B 404 0.72 8.87 -4.57
C PRO B 404 2.16 8.55 -4.18
N GLY B 405 3.09 8.85 -5.09
CA GLY B 405 4.52 8.74 -4.83
C GLY B 405 5.18 7.43 -5.21
N ILE B 406 4.37 6.40 -5.49
CA ILE B 406 4.88 5.05 -5.65
C ILE B 406 5.41 4.74 -7.05
N LEU B 407 4.68 5.16 -8.09
CA LEU B 407 5.05 4.86 -9.47
C LEU B 407 6.43 5.42 -9.85
N THR B 408 6.72 6.65 -9.43
CA THR B 408 8.01 7.26 -9.75
C THR B 408 9.15 6.57 -9.00
N GLN B 409 8.90 6.20 -7.74
CA GLN B 409 9.95 5.63 -6.90
C GLN B 409 10.22 4.15 -7.14
N TYR B 410 9.17 3.40 -7.47
CA TYR B 410 9.25 1.94 -7.58
C TYR B 410 8.82 1.36 -8.93
N GLY B 411 8.26 2.20 -9.80
CA GLY B 411 7.66 1.72 -11.05
C GLY B 411 8.61 0.97 -11.97
N ARG B 412 9.87 1.38 -11.99
CA ARG B 412 10.83 0.79 -12.92
C ARG B 412 11.17 -0.68 -12.62
N VAL B 413 10.91 -1.14 -11.41
CA VAL B 413 11.25 -2.53 -11.08
C VAL B 413 10.09 -3.51 -11.30
N LEU B 414 8.92 -3.00 -11.70
CA LEU B 414 7.74 -3.84 -11.92
C LEU B 414 8.01 -5.08 -12.76
N ARG B 415 8.66 -4.90 -13.92
CA ARG B 415 8.93 -6.06 -14.79
C ARG B 415 10.43 -6.35 -14.97
N GLN B 416 11.25 -5.80 -14.08
CA GLN B 416 12.69 -6.09 -14.06
C GLN B 416 12.94 -7.50 -13.53
N PRO B 417 13.63 -8.36 -14.32
CA PRO B 417 13.93 -9.72 -13.87
C PRO B 417 14.76 -9.74 -12.58
N VAL B 418 14.50 -10.75 -11.75
CA VAL B 418 15.28 -11.00 -10.55
C VAL B 418 16.00 -12.33 -10.75
N ASP B 419 17.25 -12.24 -11.21
CA ASP B 419 18.05 -13.41 -11.57
C ASP B 419 17.34 -14.21 -12.68
N ARG B 420 16.71 -15.33 -12.33
CA ARG B 420 16.04 -16.18 -13.32
C ARG B 420 14.51 -16.13 -13.22
N ILE B 421 13.99 -15.20 -12.43
CA ILE B 421 12.55 -14.94 -12.36
C ILE B 421 12.19 -13.77 -13.27
N TYR B 422 11.25 -14.01 -14.18
CA TYR B 422 10.72 -12.99 -15.09
C TYR B 422 9.27 -12.70 -14.70
N PHE B 423 8.77 -11.52 -15.05
CA PHE B 423 7.47 -11.08 -14.53
C PHE B 423 6.43 -10.84 -15.61
N ALA B 424 5.35 -11.62 -15.52
CA ALA B 424 4.18 -11.45 -16.38
C ALA B 424 3.05 -10.80 -15.55
N GLY B 425 1.81 -11.07 -15.93
CA GLY B 425 0.67 -10.45 -15.26
C GLY B 425 0.27 -9.14 -15.92
N THR B 426 -1.03 -8.87 -15.97
CA THR B 426 -1.53 -7.69 -16.69
C THR B 426 -0.91 -6.36 -16.21
N GLU B 427 -0.52 -6.31 -14.94
CA GLU B 427 0.07 -5.10 -14.35
C GLU B 427 1.37 -4.67 -15.02
N THR B 428 2.01 -5.62 -15.70
CA THR B 428 3.28 -5.36 -16.38
C THR B 428 3.13 -5.01 -17.89
N ALA B 429 1.90 -4.99 -18.39
CA ALA B 429 1.64 -4.66 -19.79
C ALA B 429 1.83 -3.17 -20.08
N THR B 430 2.00 -2.84 -21.36
CA THR B 430 2.15 -1.44 -21.79
C THR B 430 0.97 -0.94 -22.65
N HIS B 431 0.05 -1.86 -22.97
CA HIS B 431 -1.16 -1.52 -23.73
C HIS B 431 -2.33 -2.34 -23.15
N TRP B 432 -3.35 -1.63 -22.67
CA TRP B 432 -4.46 -2.25 -21.91
C TRP B 432 -3.99 -3.06 -20.70
N SER B 433 -2.97 -2.56 -20.00
CA SER B 433 -2.65 -3.06 -18.66
C SER B 433 -3.90 -2.92 -17.80
N GLY B 434 -4.19 -3.96 -17.01
CA GLY B 434 -5.39 -4.00 -16.17
C GLY B 434 -6.49 -4.87 -16.76
N TYR B 435 -6.33 -5.19 -18.04
CA TYR B 435 -7.32 -5.93 -18.83
C TYR B 435 -6.82 -7.31 -19.23
N MET B 436 -7.73 -8.14 -19.76
CA MET B 436 -7.35 -9.44 -20.31
C MET B 436 -6.34 -9.27 -21.44
N GLU B 437 -6.51 -8.20 -22.24
CA GLU B 437 -5.56 -7.90 -23.32
C GLU B 437 -4.13 -7.74 -22.76
N GLY B 438 -3.99 -6.94 -21.70
CA GLY B 438 -2.70 -6.75 -21.04
C GLY B 438 -2.11 -8.04 -20.50
N ALA B 439 -2.97 -8.92 -19.99
CA ALA B 439 -2.54 -10.23 -19.52
C ALA B 439 -1.82 -11.01 -20.63
N VAL B 440 -2.41 -11.02 -21.83
CA VAL B 440 -1.80 -11.72 -22.98
C VAL B 440 -0.47 -11.07 -23.38
N GLU B 441 -0.47 -9.74 -23.55
CA GLU B 441 0.77 -9.04 -23.88
C GLU B 441 1.91 -9.39 -22.93
N ALA B 442 1.62 -9.33 -21.62
CA ALA B 442 2.65 -9.53 -20.59
C ALA B 442 3.16 -10.97 -20.53
N GLY B 443 2.25 -11.94 -20.65
CA GLY B 443 2.60 -13.35 -20.58
C GLY B 443 3.49 -13.73 -21.76
N GLU B 444 3.10 -13.28 -22.95
CA GLU B 444 3.87 -13.59 -24.15
C GLU B 444 5.23 -12.90 -24.16
N ARG B 445 5.28 -11.65 -23.70
CA ARG B 445 6.54 -10.92 -23.58
C ARG B 445 7.51 -11.57 -22.59
N ALA B 446 7.00 -11.96 -21.41
CA ALA B 446 7.83 -12.63 -20.40
C ALA B 446 8.37 -13.97 -20.94
N ALA B 447 7.53 -14.69 -21.67
CA ALA B 447 7.93 -15.94 -22.30
C ALA B 447 9.08 -15.71 -23.29
N ARG B 448 8.95 -14.66 -24.09
CA ARG B 448 9.98 -14.33 -25.09
C ARG B 448 11.28 -13.82 -24.47
N GLU B 449 11.18 -13.19 -23.29
CA GLU B 449 12.37 -12.81 -22.52
C GLU B 449 13.20 -14.05 -22.17
N ILE B 450 12.52 -15.13 -21.77
CA ILE B 450 13.18 -16.40 -21.47
C ILE B 450 13.75 -17.05 -22.74
N LEU B 451 12.99 -17.05 -23.83
CA LEU B 451 13.50 -17.56 -25.11
C LEU B 451 14.77 -16.84 -25.53
N HIS B 452 14.80 -15.52 -25.33
CA HIS B 452 16.02 -14.74 -25.62
C HIS B 452 17.17 -15.10 -24.67
N ALA B 453 16.86 -15.31 -23.39
CA ALA B 453 17.86 -15.72 -22.41
C ALA B 453 18.48 -17.08 -22.76
N MET B 454 17.69 -17.92 -23.42
CA MET B 454 18.16 -19.25 -23.85
C MET B 454 18.84 -19.23 -25.20
N GLY B 455 18.88 -18.05 -25.82
CA GLY B 455 19.53 -17.85 -27.12
C GLY B 455 18.73 -18.38 -28.30
N LYS B 456 17.43 -18.54 -28.11
CA LYS B 456 16.55 -19.11 -29.15
C LYS B 456 15.97 -18.07 -30.10
N ILE B 457 15.86 -16.82 -29.63
CA ILE B 457 15.38 -15.71 -30.46
C ILE B 457 16.25 -14.45 -30.24
N PRO B 458 16.34 -13.57 -31.26
CA PRO B 458 17.07 -12.31 -31.07
C PRO B 458 16.35 -11.31 -30.16
N GLU B 459 17.11 -10.33 -29.67
CA GLU B 459 16.59 -9.31 -28.75
C GLU B 459 15.38 -8.54 -29.29
N ASP B 460 15.41 -8.24 -30.59
CA ASP B 460 14.34 -7.48 -31.24
C ASP B 460 13.01 -8.23 -31.37
N GLU B 461 12.99 -9.50 -30.98
CA GLU B 461 11.77 -10.31 -31.04
C GLU B 461 11.08 -10.47 -29.68
N ILE B 462 11.65 -9.88 -28.63
CA ILE B 462 11.04 -9.93 -27.29
C ILE B 462 9.68 -9.21 -27.28
N TRP B 463 9.66 -8.00 -27.82
CA TRP B 463 8.42 -7.23 -27.95
C TRP B 463 7.93 -7.33 -29.39
N GLN B 464 6.70 -7.82 -29.55
CA GLN B 464 6.15 -8.05 -30.89
C GLN B 464 4.80 -7.37 -31.11
N SER B 465 4.67 -6.70 -32.26
CA SER B 465 3.43 -6.06 -32.68
C SER B 465 2.35 -7.10 -32.96
N GLU B 466 1.09 -6.67 -32.99
CA GLU B 466 -0.04 -7.56 -33.23
C GLU B 466 -0.90 -7.04 -34.39
N PRO B 467 -1.12 -7.88 -35.41
CA PRO B 467 -1.98 -7.48 -36.52
C PRO B 467 -3.41 -7.20 -36.04
N GLU B 468 -4.08 -6.25 -36.69
CA GLU B 468 -5.45 -5.89 -36.32
C GLU B 468 -6.44 -7.02 -36.62
N SER B 469 -7.34 -7.27 -35.67
CA SER B 469 -8.42 -8.22 -35.84
C SER B 469 -9.27 -7.87 -37.06
N VAL B 470 -9.59 -8.88 -37.87
CA VAL B 470 -10.49 -8.70 -39.03
C VAL B 470 -11.96 -8.70 -38.59
N ASP B 471 -12.22 -9.32 -37.44
CA ASP B 471 -13.57 -9.49 -36.91
C ASP B 471 -14.03 -8.29 -36.09
N VAL B 472 -13.07 -7.61 -35.46
CA VAL B 472 -13.36 -6.47 -34.60
C VAL B 472 -12.51 -5.27 -35.04
N PRO B 473 -12.87 -4.65 -36.18
CA PRO B 473 -12.11 -3.51 -36.69
C PRO B 473 -12.22 -2.30 -35.77
N ALA B 474 -11.16 -1.51 -35.72
CA ALA B 474 -11.13 -0.30 -34.89
C ALA B 474 -11.35 0.94 -35.74
N GLN B 475 -12.37 1.71 -35.40
CA GLN B 475 -12.60 3.03 -35.98
C GLN B 475 -11.73 4.04 -35.22
N PRO B 476 -11.18 5.03 -35.93
CA PRO B 476 -10.32 6.01 -35.25
C PRO B 476 -11.10 6.91 -34.29
N ILE B 477 -10.42 7.43 -33.27
CA ILE B 477 -10.99 8.38 -32.33
C ILE B 477 -10.88 9.77 -32.96
N THR B 478 -12.02 10.44 -33.10
CA THR B 478 -12.05 11.77 -33.71
C THR B 478 -12.58 12.83 -32.74
N THR B 479 -12.26 14.09 -33.04
CA THR B 479 -12.75 15.24 -32.29
C THR B 479 -13.28 16.29 -33.27
N THR B 480 -14.15 17.16 -32.78
CA THR B 480 -14.64 18.27 -33.60
C THR B 480 -13.79 19.52 -33.36
N PHE B 481 -13.89 20.47 -34.28
CA PHE B 481 -13.17 21.75 -34.18
C PHE B 481 -13.48 22.45 -32.84
N LEU B 482 -14.76 22.48 -32.47
CA LEU B 482 -15.20 23.12 -31.23
C LEU B 482 -14.68 22.41 -29.99
N GLU B 483 -14.68 21.08 -30.00
CA GLU B 483 -14.12 20.30 -28.89
C GLU B 483 -12.64 20.62 -28.68
N ARG B 484 -11.90 20.77 -29.78
CA ARG B 484 -10.48 21.08 -29.75
C ARG B 484 -10.15 22.49 -29.25
N HIS B 485 -10.96 23.47 -29.64
CA HIS B 485 -10.58 24.87 -29.47
C HIS B 485 -11.39 25.74 -28.48
N LEU B 486 -12.53 25.23 -28.02
CA LEU B 486 -13.30 25.95 -27.01
C LEU B 486 -12.52 26.12 -25.71
N PRO B 487 -12.62 27.31 -25.09
CA PRO B 487 -11.84 27.57 -23.88
C PRO B 487 -12.33 26.80 -22.65
N SER B 488 -11.45 26.63 -21.67
CA SER B 488 -11.85 26.17 -20.35
C SER B 488 -12.61 27.29 -19.65
N VAL B 489 -13.13 27.01 -18.46
CA VAL B 489 -13.78 28.05 -17.65
C VAL B 489 -12.79 29.19 -17.27
N PRO B 490 -11.62 28.86 -16.66
CA PRO B 490 -10.65 29.93 -16.40
C PRO B 490 -10.13 30.61 -17.67
N GLY B 491 -10.06 29.86 -18.77
CA GLY B 491 -9.68 30.40 -20.07
C GLY B 491 -10.64 31.47 -20.54
N LEU B 492 -11.93 31.21 -20.37
CA LEU B 492 -12.99 32.18 -20.69
C LEU B 492 -12.90 33.41 -19.79
N LEU B 493 -12.61 33.19 -18.51
CA LEU B 493 -12.47 34.28 -17.53
C LEU B 493 -11.26 35.16 -17.83
N ARG B 494 -10.17 34.57 -18.29
CA ARG B 494 -8.99 35.31 -18.73
C ARG B 494 -9.31 36.17 -19.95
N LEU B 495 -10.11 35.61 -20.85
CA LEU B 495 -10.53 36.29 -22.07
C LEU B 495 -11.45 37.48 -21.75
N ILE B 496 -12.27 37.34 -20.71
CA ILE B 496 -13.11 38.44 -20.23
C ILE B 496 -12.27 39.47 -19.50
PA FAD C . 9.46 -6.62 15.04
O1A FAD C . 10.67 -6.05 15.77
O2A FAD C . 9.48 -6.34 13.57
O5B FAD C . 9.33 -8.20 15.31
C5B FAD C . 8.66 -9.05 14.42
C4B FAD C . 9.41 -10.38 14.36
O4B FAD C . 8.67 -11.32 13.62
C3B FAD C . 10.77 -10.25 13.69
O3B FAD C . 11.74 -10.81 14.53
C2B FAD C . 10.63 -11.04 12.40
O2B FAD C . 11.83 -11.68 12.05
C1B FAD C . 9.52 -12.02 12.75
N9A FAD C . 8.74 -12.51 11.59
C8A FAD C . 8.32 -11.82 10.49
N7A FAD C . 7.63 -12.67 9.69
C5A FAD C . 7.60 -13.89 10.28
C6A FAD C . 7.05 -15.12 9.91
N6A FAD C . 6.34 -15.25 8.79
N1A FAD C . 7.19 -16.20 10.75
C2A FAD C . 7.89 -16.09 11.93
N3A FAD C . 8.44 -14.88 12.29
C4A FAD C . 8.30 -13.80 11.48
N1 FAD C . 11.76 2.40 18.39
C2 FAD C . 12.02 3.06 19.58
O2 FAD C . 11.30 2.87 20.56
N3 FAD C . 13.09 3.94 19.67
C4 FAD C . 13.90 4.16 18.57
O4 FAD C . 14.86 4.93 18.66
C4X FAD C . 13.65 3.49 17.38
N5 FAD C . 14.45 3.70 16.27
C5X FAD C . 14.18 3.08 15.07
C6 FAD C . 15.22 3.11 14.13
C7 FAD C . 15.46 2.04 13.29
C7M FAD C . 16.59 2.11 12.31
C8 FAD C . 14.63 0.93 13.37
C8M FAD C . 14.86 -0.25 12.48
C9 FAD C . 13.58 0.88 14.29
C9A FAD C . 13.34 1.96 15.13
N10 FAD C . 12.34 1.93 16.09
C10 FAD C . 12.57 2.61 17.29
C1' FAD C . 11.13 1.04 15.93
C2' FAD C . 11.18 -0.20 16.83
O2' FAD C . 12.37 -0.93 16.56
C3' FAD C . 9.95 -1.07 16.60
O3' FAD C . 8.79 -0.30 16.87
C4' FAD C . 9.88 -2.34 17.46
O4' FAD C . 11.11 -3.01 17.51
C5' FAD C . 8.82 -3.26 16.87
O5' FAD C . 8.71 -4.44 17.66
P FAD C . 7.64 -5.55 17.21
O1P FAD C . 7.83 -6.75 18.07
O2P FAD C . 6.22 -5.01 17.29
O3P FAD C . 7.86 -5.91 15.80
F3 SAG D . 11.36 19.55 13.13
C3 SAG D . 12.07 19.25 14.15
C2 SAG D . 12.33 17.90 14.46
C4 SAG D . 12.59 20.24 14.95
C5 SAG D . 13.37 19.93 16.03
C6 SAG D . 13.64 18.61 16.34
C1 SAG D . 13.11 17.59 15.54
C7 SAG D . 13.36 16.12 15.89
O8 SAG D . 12.16 15.39 15.75
C9 SAG D . 12.09 14.03 15.84
C10 SAG D . 10.94 13.39 15.52
C11 SAG D . 10.89 12.02 15.57
C14 SAG D . 13.18 13.26 16.19
C13 SAG D . 13.12 11.86 16.21
C12 SAG D . 11.92 11.24 15.91
C15 SAG D . 11.70 9.96 15.91
N16 SAG D . 12.63 9.05 16.46
C17 SAG D . 12.56 7.62 16.23
C18 SAG D . 13.93 7.12 15.87
C19 SAG D . 12.24 6.92 17.49
O20 SAG D . 11.71 5.85 17.43
N21 SAG D . 12.62 7.53 18.62
PA FAD E . -4.88 -13.29 -12.53
O1A FAD E . -6.19 -13.50 -13.29
O2A FAD E . -5.10 -12.69 -11.19
O5B FAD E . -4.09 -14.69 -12.43
C5B FAD E . -3.18 -14.94 -11.39
C4B FAD E . -3.30 -16.40 -10.97
O4B FAD E . -2.26 -16.71 -10.05
C3B FAD E . -4.61 -16.70 -10.26
O3B FAD E . -5.22 -17.82 -10.88
C2B FAD E . -4.22 -17.00 -8.83
O2B FAD E . -5.04 -17.98 -8.22
C1B FAD E . -2.79 -17.48 -8.99
N9A FAD E . -1.94 -17.31 -7.79
C8A FAD E . -1.91 -16.26 -6.91
N7A FAD E . -0.96 -16.53 -5.97
C5A FAD E . -0.39 -17.72 -6.25
C6A FAD E . 0.61 -18.46 -5.62
N6A FAD E . 1.24 -17.99 -4.56
N1A FAD E . 0.99 -19.69 -6.16
C2A FAD E . 0.38 -20.16 -7.31
N3A FAD E . -0.62 -19.42 -7.91
C4A FAD E . -0.99 -18.22 -7.40
N1 FAD E . -10.66 -7.25 -17.89
C2 FAD E . -11.10 -7.08 -19.19
O2 FAD E . -10.31 -7.17 -20.13
N3 FAD E . -12.44 -6.80 -19.43
C4 FAD E . -13.32 -6.69 -18.38
O4 FAD E . -14.50 -6.44 -18.59
C4X FAD E . -12.88 -6.86 -17.07
N5 FAD E . -13.75 -6.75 -16.02
C5X FAD E . -13.31 -6.89 -14.71
C6 FAD E . -14.31 -7.06 -13.76
C7 FAD E . -14.11 -7.88 -12.66
C7M FAD E . -15.21 -8.06 -11.65
C8 FAD E . -12.88 -8.53 -12.51
C8M FAD E . -12.65 -9.43 -11.34
C9 FAD E . -11.87 -8.35 -13.45
C9A FAD E . -12.08 -7.53 -14.55
N10 FAD E . -11.11 -7.34 -15.53
C10 FAD E . -11.53 -7.15 -16.83
C1' FAD E . -9.64 -7.57 -15.21
C2' FAD E . -9.11 -8.89 -15.78
O2' FAD E . -9.89 -9.96 -15.27
C3' FAD E . -7.64 -9.06 -15.42
O3' FAD E . -6.90 -7.98 -15.94
C4' FAD E . -6.99 -10.35 -15.92
O4' FAD E . -7.80 -11.48 -15.69
C5' FAD E . -5.65 -10.54 -15.19
O5' FAD E . -5.02 -11.72 -15.64
P FAD E . -3.59 -12.13 -15.01
O1P FAD E . -3.24 -13.47 -15.53
O2P FAD E . -2.53 -11.08 -15.34
O3P FAD E . -3.69 -12.18 -13.54
F3 SAG F . -17.90 9.13 -17.03
C3 SAG F . -18.34 8.31 -17.91
C2 SAG F . -17.99 6.96 -17.86
C4 SAG F . -19.20 8.76 -18.90
C5 SAG F . -19.71 7.89 -19.82
C6 SAG F . -19.38 6.55 -19.78
C1 SAG F . -18.51 6.09 -18.79
C7 SAG F . -18.09 4.62 -18.75
O8 SAG F . -16.69 4.52 -18.52
C9 SAG F . -16.06 3.35 -18.26
C10 SAG F . -14.76 3.35 -17.86
C11 SAG F . -14.12 2.18 -17.58
C14 SAG F . -16.68 2.12 -18.35
C13 SAG F . -16.04 0.93 -18.03
C12 SAG F . -14.72 0.98 -17.66
C15 SAG F . -13.96 -0.05 -17.36
N16 SAG F . -14.39 -1.37 -17.62
C17 SAG F . -13.73 -2.52 -17.04
C18 SAG F . -14.77 -3.46 -16.49
C19 SAG F . -13.07 -3.31 -18.11
O20 SAG F . -12.13 -4.01 -17.82
N21 SAG F . -13.60 -3.22 -19.32
#